data_8F20
# 
_entry.id   8F20 
# 
_audit_conform.dict_name       mmcif_pdbx.dic 
_audit_conform.dict_version    5.380 
_audit_conform.dict_location   http://mmcif.pdb.org/dictionaries/ascii/mmcif_pdbx.dic 
# 
loop_
_database_2.database_id 
_database_2.database_code 
_database_2.pdbx_database_accession 
_database_2.pdbx_DOI 
PDB   8F20         pdb_00008f20 10.2210/pdb8f20/pdb 
WWPDB D_1000269862 ?            ?                   
# 
_pdbx_database_status.status_code                     REL 
_pdbx_database_status.status_code_sf                  REL 
_pdbx_database_status.status_code_mr                  ? 
_pdbx_database_status.entry_id                        8F20 
_pdbx_database_status.recvd_initial_deposition_date   2022-11-06 
_pdbx_database_status.SG_entry                        N 
_pdbx_database_status.deposit_site                    RCSB 
_pdbx_database_status.process_site                    RCSB 
_pdbx_database_status.status_code_cs                  ? 
_pdbx_database_status.status_code_nmr_data            ? 
_pdbx_database_status.methods_development_category    ? 
_pdbx_database_status.pdb_format_compatible           Y 
# 
loop_
_audit_author.name 
_audit_author.pdbx_ordinal 
_audit_author.identifier_ORCID 
'Ogbonna, E.N.' 1 0000-0002-0762-0603 
'Wilson, W.D.'  2 0000-0001-5225-5089 
# 
_citation.abstract                  ? 
_citation.abstract_id_CAS           ? 
_citation.book_id_ISBN              ? 
_citation.book_publisher            ? 
_citation.book_publisher_city       ? 
_citation.book_title                ? 
_citation.coordinate_linkage        ? 
_citation.country                   US 
_citation.database_id_Medline       ? 
_citation.details                   ? 
_citation.id                        primary 
_citation.journal_abbrev            'Acs Bio Med Chem Au' 
_citation.journal_id_ASTM           ? 
_citation.journal_id_CSD            ? 
_citation.journal_id_ISSN           2694-2437 
_citation.journal_full              ? 
_citation.journal_issue             ? 
_citation.journal_volume            3 
_citation.language                  ? 
_citation.page_first                335 
_citation.page_last                 348 
_citation.title                     'X-ray Structure Characterization of the Selective Recognition of AT Base Pair Sequences.' 
_citation.year                      2023 
_citation.database_id_CSD           ? 
_citation.pdbx_database_id_DOI      10.1021/acsbiomedchemau.3c00002 
_citation.pdbx_database_id_PubMed   37599788 
_citation.pdbx_database_id_patent   ? 
_citation.unpublished_flag          ? 
# 
loop_
_citation_author.citation_id 
_citation_author.name 
_citation_author.ordinal 
_citation_author.identifier_ORCID 
primary 'Ogbonna, E.N.' 1 ?                   
primary 'Paul, A.'      2 0000-0003-4592-3442 
primary 'Farahat, A.A.' 3 ?                   
primary 'Terrell, J.R.' 4 ?                   
primary 'Mineva, E.'    5 ?                   
primary 'Ogbonna, V.'   6 ?                   
primary 'Boykin, D.W.'  7 ?                   
primary 'Wilson, W.D.'  8 0000-0001-5225-5089 
# 
_cell.angle_alpha                  90.000 
_cell.angle_alpha_esd              ? 
_cell.angle_beta                   90.000 
_cell.angle_beta_esd               ? 
_cell.angle_gamma                  90.000 
_cell.angle_gamma_esd              ? 
_cell.entry_id                     8F20 
_cell.details                      ? 
_cell.formula_units_Z              ? 
_cell.length_a                     25.662 
_cell.length_a_esd                 ? 
_cell.length_b                     41.610 
_cell.length_b_esd                 ? 
_cell.length_c                     65.160 
_cell.length_c_esd                 ? 
_cell.volume                       69577.576 
_cell.volume_esd                   ? 
_cell.Z_PDB                        4 
_cell.reciprocal_angle_alpha       ? 
_cell.reciprocal_angle_beta        ? 
_cell.reciprocal_angle_gamma       ? 
_cell.reciprocal_angle_alpha_esd   ? 
_cell.reciprocal_angle_beta_esd    ? 
_cell.reciprocal_angle_gamma_esd   ? 
_cell.reciprocal_length_a          ? 
_cell.reciprocal_length_b          ? 
_cell.reciprocal_length_c          ? 
_cell.reciprocal_length_a_esd      ? 
_cell.reciprocal_length_b_esd      ? 
_cell.reciprocal_length_c_esd      ? 
_cell.pdbx_unique_axis             ? 
_cell.pdbx_esd_method              ? 
# 
_symmetry.entry_id                         8F20 
_symmetry.cell_setting                     ? 
_symmetry.Int_Tables_number                19 
_symmetry.space_group_name_Hall            'P 2ac 2ab' 
_symmetry.space_group_name_H-M             'P 21 21 21' 
_symmetry.pdbx_full_space_group_name_H-M   ? 
# 
loop_
_entity.id 
_entity.type 
_entity.src_method 
_entity.pdbx_description 
_entity.formula_weight 
_entity.pdbx_number_of_molecules 
_entity.pdbx_ec 
_entity.pdbx_mutation 
_entity.pdbx_fragment 
_entity.details 
1 polymer syn 
;DNA (5'-D(*CP*GP*CP*AP*AP*AP*AP*AP*AP*GP*CP*G)-3')
;
3689.446 1 ? ? ? ? 
2 polymer syn 
;DNA (5'-D(*CP*GP*CP*TP*TP*TP*TP*TP*TP*GP*CP*G)-3')
;
3635.362 1 ? ? ? ? 
3 water   nat water                                                18.015   5 ? ? ? ? 
# 
loop_
_entity_poly.entity_id 
_entity_poly.type 
_entity_poly.nstd_linkage 
_entity_poly.nstd_monomer 
_entity_poly.pdbx_seq_one_letter_code 
_entity_poly.pdbx_seq_one_letter_code_can 
_entity_poly.pdbx_strand_id 
_entity_poly.pdbx_target_identifier 
1 polydeoxyribonucleotide no no '(DC)(DG)(DC)(DA)(DA)(DA)(DA)(DA)(DA)(DG)(DC)(DG)' CGCAAAAAAGCG B ? 
2 polydeoxyribonucleotide no no '(DC)(DG)(DC)(DT)(DT)(DT)(DT)(DT)(DT)(DG)(DC)(DG)' CGCTTTTTTGCG C ? 
# 
loop_
_entity_poly_seq.entity_id 
_entity_poly_seq.num 
_entity_poly_seq.mon_id 
_entity_poly_seq.hetero 
1 1  DC n 
1 2  DG n 
1 3  DC n 
1 4  DA n 
1 5  DA n 
1 6  DA n 
1 7  DA n 
1 8  DA n 
1 9  DA n 
1 10 DG n 
1 11 DC n 
1 12 DG n 
2 1  DC n 
2 2  DG n 
2 3  DC n 
2 4  DT n 
2 5  DT n 
2 6  DT n 
2 7  DT n 
2 8  DT n 
2 9  DT n 
2 10 DG n 
2 11 DC n 
2 12 DG n 
# 
loop_
_pdbx_entity_src_syn.entity_id 
_pdbx_entity_src_syn.pdbx_src_id 
_pdbx_entity_src_syn.pdbx_alt_source_flag 
_pdbx_entity_src_syn.pdbx_beg_seq_num 
_pdbx_entity_src_syn.pdbx_end_seq_num 
_pdbx_entity_src_syn.organism_scientific 
_pdbx_entity_src_syn.organism_common_name 
_pdbx_entity_src_syn.ncbi_taxonomy_id 
_pdbx_entity_src_syn.details 
1 1 sample 1 12 'Homo sapiens' ? 9606 ? 
2 1 sample 1 12 'Homo sapiens' ? 9606 ? 
# 
loop_
_struct_ref.id 
_struct_ref.db_name 
_struct_ref.db_code 
_struct_ref.pdbx_db_accession 
_struct_ref.pdbx_db_isoform 
_struct_ref.entity_id 
_struct_ref.pdbx_seq_one_letter_code 
_struct_ref.pdbx_align_begin 
1 PDB 8F20 8F20 ? 1 ? 1 
2 PDB 8F20 8F20 ? 2 ? 1 
# 
loop_
_struct_ref_seq.align_id 
_struct_ref_seq.ref_id 
_struct_ref_seq.pdbx_PDB_id_code 
_struct_ref_seq.pdbx_strand_id 
_struct_ref_seq.seq_align_beg 
_struct_ref_seq.pdbx_seq_align_beg_ins_code 
_struct_ref_seq.seq_align_end 
_struct_ref_seq.pdbx_seq_align_end_ins_code 
_struct_ref_seq.pdbx_db_accession 
_struct_ref_seq.db_align_beg 
_struct_ref_seq.pdbx_db_align_beg_ins_code 
_struct_ref_seq.db_align_end 
_struct_ref_seq.pdbx_db_align_end_ins_code 
_struct_ref_seq.pdbx_auth_seq_align_beg 
_struct_ref_seq.pdbx_auth_seq_align_end 
1 1 8F20 B 1 ? 12 ? 8F20 1  ? 12 ? 1  12 
2 2 8F20 C 1 ? 12 ? 8F20 13 ? 24 ? 13 24 
# 
loop_
_chem_comp.id 
_chem_comp.type 
_chem_comp.mon_nstd_flag 
_chem_comp.name 
_chem_comp.pdbx_synonyms 
_chem_comp.formula 
_chem_comp.formula_weight 
DA  'DNA linking' y "2'-DEOXYADENOSINE-5'-MONOPHOSPHATE" ? 'C10 H14 N5 O6 P' 331.222 
DC  'DNA linking' y "2'-DEOXYCYTIDINE-5'-MONOPHOSPHATE"  ? 'C9 H14 N3 O7 P'  307.197 
DG  'DNA linking' y "2'-DEOXYGUANOSINE-5'-MONOPHOSPHATE" ? 'C10 H14 N5 O7 P' 347.221 
DT  'DNA linking' y "THYMIDINE-5'-MONOPHOSPHATE"         ? 'C10 H15 N2 O8 P' 322.208 
HOH non-polymer   . WATER                                ? 'H2 O'            18.015  
# 
_exptl.absorpt_coefficient_mu     ? 
_exptl.absorpt_correction_T_max   ? 
_exptl.absorpt_correction_T_min   ? 
_exptl.absorpt_correction_type    ? 
_exptl.absorpt_process_details    ? 
_exptl.entry_id                   8F20 
_exptl.crystals_number            1 
_exptl.details                    ? 
_exptl.method                     'X-RAY DIFFRACTION' 
_exptl.method_details             ? 
# 
_exptl_crystal.colour                       ? 
_exptl_crystal.density_diffrn               ? 
_exptl_crystal.density_Matthews             2.37 
_exptl_crystal.density_method               ? 
_exptl_crystal.density_percent_sol          48.20 
_exptl_crystal.description                  ? 
_exptl_crystal.F_000                        ? 
_exptl_crystal.id                           1 
_exptl_crystal.preparation                  ? 
_exptl_crystal.size_max                     ? 
_exptl_crystal.size_mid                     ? 
_exptl_crystal.size_min                     ? 
_exptl_crystal.size_rad                     ? 
_exptl_crystal.colour_lustre                ? 
_exptl_crystal.colour_modifier              ? 
_exptl_crystal.colour_primary               ? 
_exptl_crystal.density_meas                 ? 
_exptl_crystal.density_meas_esd             ? 
_exptl_crystal.density_meas_gt              ? 
_exptl_crystal.density_meas_lt              ? 
_exptl_crystal.density_meas_temp            ? 
_exptl_crystal.density_meas_temp_esd        ? 
_exptl_crystal.density_meas_temp_gt         ? 
_exptl_crystal.density_meas_temp_lt         ? 
_exptl_crystal.pdbx_crystal_image_url       ? 
_exptl_crystal.pdbx_crystal_image_format    ? 
_exptl_crystal.pdbx_mosaicity               ? 
_exptl_crystal.pdbx_mosaicity_esd           ? 
_exptl_crystal.pdbx_mosaic_method           ? 
_exptl_crystal.pdbx_mosaic_block_size       ? 
_exptl_crystal.pdbx_mosaic_block_size_esd   ? 
# 
_exptl_crystal_grow.apparatus       ? 
_exptl_crystal_grow.atmosphere      ? 
_exptl_crystal_grow.crystal_id      1 
_exptl_crystal_grow.details         ? 
_exptl_crystal_grow.method          'VAPOR DIFFUSION' 
_exptl_crystal_grow.method_ref      ? 
_exptl_crystal_grow.pH              7 
_exptl_crystal_grow.pressure        ? 
_exptl_crystal_grow.pressure_esd    ? 
_exptl_crystal_grow.seeding         ? 
_exptl_crystal_grow.seeding_ref     ? 
_exptl_crystal_grow.temp_details    ? 
_exptl_crystal_grow.temp_esd        ? 
_exptl_crystal_grow.time            ? 
_exptl_crystal_grow.pdbx_details    
'MPD, SODIUM CACODYLATE TRIHYDRATE, SPERMINE TETRACHLORIDE, SODIUM CHLORIDE, MAGNESIUM HEXAHYDRATE' 
_exptl_crystal_grow.pdbx_pH_range   ? 
_exptl_crystal_grow.temp            298 
# 
_diffrn.ambient_environment              ? 
_diffrn.ambient_temp                     100 
_diffrn.ambient_temp_details             ? 
_diffrn.ambient_temp_esd                 ? 
_diffrn.crystal_id                       1 
_diffrn.crystal_support                  ? 
_diffrn.crystal_treatment                ? 
_diffrn.details                          ? 
_diffrn.id                               1 
_diffrn.ambient_pressure                 ? 
_diffrn.ambient_pressure_esd             ? 
_diffrn.ambient_pressure_gt              ? 
_diffrn.ambient_pressure_lt              ? 
_diffrn.ambient_temp_gt                  ? 
_diffrn.ambient_temp_lt                  ? 
_diffrn.pdbx_serial_crystal_experiment   N 
# 
_diffrn_detector.details                      ? 
_diffrn_detector.detector                     PIXEL 
_diffrn_detector.diffrn_id                    1 
_diffrn_detector.type                         'DECTRIS EIGER X 9M' 
_diffrn_detector.area_resol_mean              ? 
_diffrn_detector.dtime                        ? 
_diffrn_detector.pdbx_frames_total            ? 
_diffrn_detector.pdbx_collection_time_total   ? 
_diffrn_detector.pdbx_collection_date         2022-09-28 
_diffrn_detector.pdbx_frequency               ? 
_diffrn_detector.id                           ? 
_diffrn_detector.number_of_axes               ? 
# 
_diffrn_radiation.collimation                      ? 
_diffrn_radiation.diffrn_id                        1 
_diffrn_radiation.filter_edge                      ? 
_diffrn_radiation.inhomogeneity                    ? 
_diffrn_radiation.monochromator                    ? 
_diffrn_radiation.polarisn_norm                    ? 
_diffrn_radiation.polarisn_ratio                   ? 
_diffrn_radiation.probe                            ? 
_diffrn_radiation.type                             ? 
_diffrn_radiation.xray_symbol                      ? 
_diffrn_radiation.wavelength_id                    1 
_diffrn_radiation.pdbx_monochromatic_or_laue_m_l   M 
_diffrn_radiation.pdbx_wavelength_list             ? 
_diffrn_radiation.pdbx_wavelength                  ? 
_diffrn_radiation.pdbx_diffrn_protocol             'SINGLE WAVELENGTH' 
_diffrn_radiation.pdbx_analyzer                    ? 
_diffrn_radiation.pdbx_scattering_type             x-ray 
# 
_diffrn_radiation_wavelength.id           1 
_diffrn_radiation_wavelength.wavelength   1 
_diffrn_radiation_wavelength.wt           1.0 
# 
_diffrn_source.current                     ? 
_diffrn_source.details                     ? 
_diffrn_source.diffrn_id                   1 
_diffrn_source.power                       ? 
_diffrn_source.size                        ? 
_diffrn_source.source                      SYNCHROTRON 
_diffrn_source.target                      ? 
_diffrn_source.type                        'NSLS-II BEAMLINE 17-ID-1' 
_diffrn_source.voltage                     ? 
_diffrn_source.take-off_angle              ? 
_diffrn_source.pdbx_wavelength_list        1 
_diffrn_source.pdbx_wavelength             ? 
_diffrn_source.pdbx_synchrotron_beamline   17-ID-1 
_diffrn_source.pdbx_synchrotron_site       NSLS-II 
# 
_reflns.B_iso_Wilson_estimate                          65.23 
_reflns.entry_id                                       8F20 
_reflns.data_reduction_details                         ? 
_reflns.data_reduction_method                          ? 
_reflns.d_resolution_high                              2.23 
_reflns.d_resolution_low                               25.65 
_reflns.details                                        ? 
_reflns.limit_h_max                                    ? 
_reflns.limit_h_min                                    ? 
_reflns.limit_k_max                                    ? 
_reflns.limit_k_min                                    ? 
_reflns.limit_l_max                                    ? 
_reflns.limit_l_min                                    ? 
_reflns.number_all                                     ? 
_reflns.number_obs                                     3703 
_reflns.observed_criterion                             ? 
_reflns.observed_criterion_F_max                       ? 
_reflns.observed_criterion_F_min                       ? 
_reflns.observed_criterion_I_max                       ? 
_reflns.observed_criterion_I_min                       ? 
_reflns.observed_criterion_sigma_F                     ? 
_reflns.observed_criterion_sigma_I                     ? 
_reflns.percent_possible_obs                           99.3 
_reflns.R_free_details                                 ? 
_reflns.Rmerge_F_all                                   ? 
_reflns.Rmerge_F_obs                                   ? 
_reflns.Friedel_coverage                               ? 
_reflns.number_gt                                      ? 
_reflns.threshold_expression                           ? 
_reflns.pdbx_redundancy                                2 
_reflns.pdbx_netI_over_av_sigmaI                       ? 
_reflns.pdbx_netI_over_sigmaI                          24.03 
_reflns.pdbx_res_netI_over_av_sigmaI_2                 ? 
_reflns.pdbx_res_netI_over_sigmaI_2                    ? 
_reflns.pdbx_chi_squared                               ? 
_reflns.pdbx_scaling_rejects                           ? 
_reflns.pdbx_d_res_high_opt                            ? 
_reflns.pdbx_d_res_low_opt                             ? 
_reflns.pdbx_d_res_opt_method                          ? 
_reflns.phase_calculation_details                      ? 
_reflns.pdbx_Rrim_I_all                                ? 
_reflns.pdbx_Rpim_I_all                                ? 
_reflns.pdbx_d_opt                                     ? 
_reflns.pdbx_number_measured_all                       ? 
_reflns.pdbx_diffrn_id                                 1 
_reflns.pdbx_ordinal                                   1 
_reflns.pdbx_CC_half                                   1 
_reflns.pdbx_CC_star                                   ? 
_reflns.pdbx_R_split                                   ? 
_reflns.pdbx_Rmerge_I_obs                              ? 
_reflns.pdbx_Rmerge_I_all                              ? 
_reflns.pdbx_Rsym_value                                ? 
_reflns.pdbx_CC_split_method                           ? 
_reflns.pdbx_aniso_diffraction_limit_axis_1_ortho[1]   ? 
_reflns.pdbx_aniso_diffraction_limit_axis_1_ortho[2]   ? 
_reflns.pdbx_aniso_diffraction_limit_axis_1_ortho[3]   ? 
_reflns.pdbx_aniso_diffraction_limit_axis_2_ortho[1]   ? 
_reflns.pdbx_aniso_diffraction_limit_axis_2_ortho[2]   ? 
_reflns.pdbx_aniso_diffraction_limit_axis_2_ortho[3]   ? 
_reflns.pdbx_aniso_diffraction_limit_axis_3_ortho[1]   ? 
_reflns.pdbx_aniso_diffraction_limit_axis_3_ortho[2]   ? 
_reflns.pdbx_aniso_diffraction_limit_axis_3_ortho[3]   ? 
_reflns.pdbx_aniso_diffraction_limit_1                 ? 
_reflns.pdbx_aniso_diffraction_limit_2                 ? 
_reflns.pdbx_aniso_diffraction_limit_3                 ? 
_reflns.pdbx_aniso_B_tensor_eigenvector_1_ortho[1]     ? 
_reflns.pdbx_aniso_B_tensor_eigenvector_1_ortho[2]     ? 
_reflns.pdbx_aniso_B_tensor_eigenvector_1_ortho[3]     ? 
_reflns.pdbx_aniso_B_tensor_eigenvector_2_ortho[1]     ? 
_reflns.pdbx_aniso_B_tensor_eigenvector_2_ortho[2]     ? 
_reflns.pdbx_aniso_B_tensor_eigenvector_2_ortho[3]     ? 
_reflns.pdbx_aniso_B_tensor_eigenvector_3_ortho[1]     ? 
_reflns.pdbx_aniso_B_tensor_eigenvector_3_ortho[2]     ? 
_reflns.pdbx_aniso_B_tensor_eigenvector_3_ortho[3]     ? 
_reflns.pdbx_aniso_B_tensor_eigenvalue_1               ? 
_reflns.pdbx_aniso_B_tensor_eigenvalue_2               ? 
_reflns.pdbx_aniso_B_tensor_eigenvalue_3               ? 
_reflns.pdbx_orthogonalization_convention              ? 
_reflns.pdbx_percent_possible_ellipsoidal              ? 
_reflns.pdbx_percent_possible_spherical                ? 
_reflns.pdbx_percent_possible_ellipsoidal_anomalous    ? 
_reflns.pdbx_percent_possible_spherical_anomalous      ? 
_reflns.pdbx_redundancy_anomalous                      ? 
_reflns.pdbx_CC_half_anomalous                         ? 
_reflns.pdbx_absDiff_over_sigma_anomalous              ? 
_reflns.pdbx_percent_possible_anomalous                ? 
_reflns.pdbx_observed_signal_threshold                 ? 
_reflns.pdbx_signal_type                               ? 
_reflns.pdbx_signal_details                            ? 
_reflns.pdbx_signal_software_id                        ? 
# 
_reflns_shell.d_res_high                                    2.23 
_reflns_shell.d_res_low                                     2.31 
_reflns_shell.meanI_over_sigI_all                           ? 
_reflns_shell.meanI_over_sigI_obs                           ? 
_reflns_shell.number_measured_all                           ? 
_reflns_shell.number_measured_obs                           ? 
_reflns_shell.number_possible                               ? 
_reflns_shell.number_unique_all                             ? 
_reflns_shell.number_unique_obs                             374 
_reflns_shell.percent_possible_obs                          ? 
_reflns_shell.Rmerge_F_all                                  ? 
_reflns_shell.Rmerge_F_obs                                  ? 
_reflns_shell.meanI_over_sigI_gt                            ? 
_reflns_shell.meanI_over_uI_all                             ? 
_reflns_shell.meanI_over_uI_gt                              ? 
_reflns_shell.number_measured_gt                            ? 
_reflns_shell.number_unique_gt                              ? 
_reflns_shell.percent_possible_gt                           ? 
_reflns_shell.Rmerge_F_gt                                   ? 
_reflns_shell.Rmerge_I_gt                                   ? 
_reflns_shell.pdbx_redundancy                               ? 
_reflns_shell.pdbx_chi_squared                              ? 
_reflns_shell.pdbx_netI_over_sigmaI_all                     ? 
_reflns_shell.pdbx_netI_over_sigmaI_obs                     ? 
_reflns_shell.pdbx_Rrim_I_all                               ? 
_reflns_shell.pdbx_Rpim_I_all                               ? 
_reflns_shell.pdbx_rejects                                  ? 
_reflns_shell.pdbx_ordinal                                  1 
_reflns_shell.pdbx_diffrn_id                                1 
_reflns_shell.pdbx_CC_half                                  0.918 
_reflns_shell.pdbx_CC_star                                  ? 
_reflns_shell.pdbx_R_split                                  ? 
_reflns_shell.percent_possible_all                          ? 
_reflns_shell.Rmerge_I_all                                  ? 
_reflns_shell.Rmerge_I_obs                                  ? 
_reflns_shell.pdbx_Rsym_value                               ? 
_reflns_shell.pdbx_percent_possible_ellipsoidal             ? 
_reflns_shell.pdbx_percent_possible_spherical               ? 
_reflns_shell.pdbx_percent_possible_ellipsoidal_anomalous   ? 
_reflns_shell.pdbx_percent_possible_spherical_anomalous     ? 
_reflns_shell.pdbx_redundancy_anomalous                     ? 
_reflns_shell.pdbx_CC_half_anomalous                        ? 
_reflns_shell.pdbx_absDiff_over_sigma_anomalous             ? 
_reflns_shell.pdbx_percent_possible_anomalous               ? 
# 
_refine.aniso_B[1][1]                            ? 
_refine.aniso_B[1][2]                            ? 
_refine.aniso_B[1][3]                            ? 
_refine.aniso_B[2][2]                            ? 
_refine.aniso_B[2][3]                            ? 
_refine.aniso_B[3][3]                            ? 
_refine.B_iso_max                                ? 
_refine.B_iso_mean                               62.11 
_refine.B_iso_min                                ? 
_refine.correlation_coeff_Fo_to_Fc               ? 
_refine.correlation_coeff_Fo_to_Fc_free          ? 
_refine.details                                  ? 
_refine.diff_density_max                         ? 
_refine.diff_density_max_esd                     ? 
_refine.diff_density_min                         ? 
_refine.diff_density_min_esd                     ? 
_refine.diff_density_rms                         ? 
_refine.diff_density_rms_esd                     ? 
_refine.entry_id                                 8F20 
_refine.pdbx_refine_id                           'X-RAY DIFFRACTION' 
_refine.ls_abs_structure_details                 ? 
_refine.ls_abs_structure_Flack                   ? 
_refine.ls_abs_structure_Flack_esd               ? 
_refine.ls_abs_structure_Rogers                  ? 
_refine.ls_abs_structure_Rogers_esd              ? 
_refine.ls_d_res_high                            2.23 
_refine.ls_d_res_low                             25.65 
_refine.ls_extinction_coef                       ? 
_refine.ls_extinction_coef_esd                   ? 
_refine.ls_extinction_expression                 ? 
_refine.ls_extinction_method                     ? 
_refine.ls_goodness_of_fit_all                   ? 
_refine.ls_goodness_of_fit_all_esd               ? 
_refine.ls_goodness_of_fit_obs                   ? 
_refine.ls_goodness_of_fit_obs_esd               ? 
_refine.ls_hydrogen_treatment                    ? 
_refine.ls_matrix_type                           ? 
_refine.ls_number_constraints                    ? 
_refine.ls_number_parameters                     ? 
_refine.ls_number_reflns_all                     ? 
_refine.ls_number_reflns_obs                     3684 
_refine.ls_number_reflns_R_free                  370 
_refine.ls_number_reflns_R_work                  3314 
_refine.ls_number_restraints                     ? 
_refine.ls_percent_reflns_obs                    99.38 
_refine.ls_percent_reflns_R_free                 10.04 
_refine.ls_R_factor_all                          ? 
_refine.ls_R_factor_obs                          0.2551 
_refine.ls_R_factor_R_free                       0.2854 
_refine.ls_R_factor_R_free_error                 ? 
_refine.ls_R_factor_R_free_error_details         ? 
_refine.ls_R_factor_R_work                       0.2519 
_refine.ls_R_Fsqd_factor_obs                     ? 
_refine.ls_R_I_factor_obs                        ? 
_refine.ls_redundancy_reflns_all                 ? 
_refine.ls_redundancy_reflns_obs                 ? 
_refine.ls_restrained_S_all                      ? 
_refine.ls_restrained_S_obs                      ? 
_refine.ls_shift_over_esd_max                    ? 
_refine.ls_shift_over_esd_mean                   ? 
_refine.ls_structure_factor_coef                 ? 
_refine.ls_weighting_details                     ? 
_refine.ls_weighting_scheme                      ? 
_refine.ls_wR_factor_all                         ? 
_refine.ls_wR_factor_obs                         ? 
_refine.ls_wR_factor_R_free                      ? 
_refine.ls_wR_factor_R_work                      ? 
_refine.occupancy_max                            ? 
_refine.occupancy_min                            ? 
_refine.solvent_model_details                    'FLAT BULK SOLVENT MODEL' 
_refine.solvent_model_param_bsol                 ? 
_refine.solvent_model_param_ksol                 ? 
_refine.pdbx_R_complete                          ? 
_refine.ls_R_factor_gt                           ? 
_refine.ls_goodness_of_fit_gt                    ? 
_refine.ls_goodness_of_fit_ref                   ? 
_refine.ls_shift_over_su_max                     ? 
_refine.ls_shift_over_su_max_lt                  ? 
_refine.ls_shift_over_su_mean                    ? 
_refine.ls_shift_over_su_mean_lt                 ? 
_refine.pdbx_ls_sigma_I                          ? 
_refine.pdbx_ls_sigma_F                          1.39 
_refine.pdbx_ls_sigma_Fsqd                       ? 
_refine.pdbx_data_cutoff_high_absF               ? 
_refine.pdbx_data_cutoff_high_rms_absF           ? 
_refine.pdbx_data_cutoff_low_absF                ? 
_refine.pdbx_isotropic_thermal_model             ? 
_refine.pdbx_ls_cross_valid_method               'FREE R-VALUE' 
_refine.pdbx_method_to_determine_struct          'MOLECULAR REPLACEMENT' 
_refine.pdbx_starting_model                      1BNA 
_refine.pdbx_stereochemistry_target_values       'GeoStd + Monomer Library + CDL v1.2' 
_refine.pdbx_R_Free_selection_details            ? 
_refine.pdbx_stereochem_target_val_spec_case     ? 
_refine.pdbx_overall_ESU_R                       ? 
_refine.pdbx_overall_ESU_R_Free                  ? 
_refine.pdbx_solvent_vdw_probe_radii             1.1100 
_refine.pdbx_solvent_ion_probe_radii             ? 
_refine.pdbx_solvent_shrinkage_radii             0.9000 
_refine.pdbx_real_space_R                        ? 
_refine.pdbx_density_correlation                 ? 
_refine.pdbx_pd_number_of_powder_patterns        ? 
_refine.pdbx_pd_number_of_points                 ? 
_refine.pdbx_pd_meas_number_of_points            ? 
_refine.pdbx_pd_proc_ls_prof_R_factor            ? 
_refine.pdbx_pd_proc_ls_prof_wR_factor           ? 
_refine.pdbx_pd_Marquardt_correlation_coeff      ? 
_refine.pdbx_pd_Fsqrd_R_factor                   ? 
_refine.pdbx_pd_ls_matrix_band_width             ? 
_refine.pdbx_overall_phase_error                 43.3570 
_refine.pdbx_overall_SU_R_free_Cruickshank_DPI   ? 
_refine.pdbx_overall_SU_R_free_Blow_DPI          ? 
_refine.pdbx_overall_SU_R_Blow_DPI               ? 
_refine.pdbx_TLS_residual_ADP_flag               ? 
_refine.pdbx_diffrn_id                           1 
_refine.overall_SU_B                             ? 
_refine.overall_SU_ML                            0.4338 
_refine.overall_SU_R_Cruickshank_DPI             ? 
_refine.overall_SU_R_free                        ? 
_refine.overall_FOM_free_R_set                   ? 
_refine.overall_FOM_work_R_set                   ? 
_refine.pdbx_average_fsc_overall                 ? 
_refine.pdbx_average_fsc_work                    ? 
_refine.pdbx_average_fsc_free                    ? 
# 
_refine_hist.pdbx_refine_id                   'X-RAY DIFFRACTION' 
_refine_hist.cycle_id                         LAST 
_refine_hist.details                          ? 
_refine_hist.d_res_high                       2.23 
_refine_hist.d_res_low                        25.65 
_refine_hist.number_atoms_solvent             5 
_refine_hist.number_atoms_total               491 
_refine_hist.number_reflns_all                ? 
_refine_hist.number_reflns_obs                ? 
_refine_hist.number_reflns_R_free             ? 
_refine_hist.number_reflns_R_work             ? 
_refine_hist.R_factor_all                     ? 
_refine_hist.R_factor_obs                     ? 
_refine_hist.R_factor_R_free                  ? 
_refine_hist.R_factor_R_work                  ? 
_refine_hist.pdbx_number_residues_total       ? 
_refine_hist.pdbx_B_iso_mean_ligand           ? 
_refine_hist.pdbx_B_iso_mean_solvent          ? 
_refine_hist.pdbx_number_atoms_protein        0 
_refine_hist.pdbx_number_atoms_nucleic_acid   486 
_refine_hist.pdbx_number_atoms_ligand         0 
_refine_hist.pdbx_number_atoms_lipid          ? 
_refine_hist.pdbx_number_atoms_carb           ? 
_refine_hist.pdbx_pseudo_atom_details         ? 
# 
loop_
_refine_ls_restr.pdbx_refine_id 
_refine_ls_restr.criterion 
_refine_ls_restr.dev_ideal 
_refine_ls_restr.dev_ideal_target 
_refine_ls_restr.number 
_refine_ls_restr.rejects 
_refine_ls_restr.type 
_refine_ls_restr.weight 
_refine_ls_restr.pdbx_restraint_function 
'X-RAY DIFFRACTION' ? 0.0110  ? 544 ? f_bond_d           ? ? 
'X-RAY DIFFRACTION' ? 1.3248  ? 836 ? f_angle_d          ? ? 
'X-RAY DIFFRACTION' ? 0.0594  ? 94  ? f_chiral_restr     ? ? 
'X-RAY DIFFRACTION' ? 0.0095  ? 24  ? f_plane_restr      ? ? 
'X-RAY DIFFRACTION' ? 33.3483 ? 232 ? f_dihedral_angle_d ? ? 
# 
loop_
_refine_ls_shell.pdbx_refine_id 
_refine_ls_shell.d_res_high 
_refine_ls_shell.d_res_low 
_refine_ls_shell.number_reflns_all 
_refine_ls_shell.number_reflns_obs 
_refine_ls_shell.number_reflns_R_free 
_refine_ls_shell.number_reflns_R_work 
_refine_ls_shell.percent_reflns_obs 
_refine_ls_shell.percent_reflns_R_free 
_refine_ls_shell.R_factor_all 
_refine_ls_shell.R_factor_obs 
_refine_ls_shell.R_factor_R_free_error 
_refine_ls_shell.R_factor_R_work 
_refine_ls_shell.redundancy_reflns_all 
_refine_ls_shell.redundancy_reflns_obs 
_refine_ls_shell.wR_factor_all 
_refine_ls_shell.wR_factor_obs 
_refine_ls_shell.wR_factor_R_free 
_refine_ls_shell.wR_factor_R_work 
_refine_ls_shell.pdbx_R_complete 
_refine_ls_shell.pdbx_total_number_of_bins_used 
_refine_ls_shell.pdbx_phase_error 
_refine_ls_shell.pdbx_fsc_work 
_refine_ls_shell.pdbx_fsc_free 
_refine_ls_shell.R_factor_R_free 
'X-RAY DIFFRACTION' 2.23 2.55  . . 120 1083 100.00 . . . . 0.3304 . . . . . . . . . . . 0.4599 
'X-RAY DIFFRACTION' 2.55 3.21  . . 122 1092 99.35  . . . . 0.3874 . . . . . . . . . . . 0.3907 
'X-RAY DIFFRACTION' 3.22 25.65 . . 128 1139 98.83  . . . . 0.2114 . . . . . . . . . . . 0.2427 
# 
_struct.entry_id                     8F20 
_struct.title                        
;Structure of an A-tract B-DNA Dodecamer: 5'-CGCAAAAAAGCG-3
;
_struct.pdbx_model_details           ? 
_struct.pdbx_formula_weight          ? 
_struct.pdbx_formula_weight_method   ? 
_struct.pdbx_model_type_details      ? 
_struct.pdbx_CASP_flag               N 
# 
_struct_keywords.entry_id        8F20 
_struct_keywords.text            'DNA, AT sequence, Minor groove' 
_struct_keywords.pdbx_keywords   DNA 
# 
loop_
_struct_asym.id 
_struct_asym.pdbx_blank_PDB_chainid_flag 
_struct_asym.pdbx_modified 
_struct_asym.entity_id 
_struct_asym.details 
A N N 1 ? 
B N N 2 ? 
C N N 3 ? 
D N N 3 ? 
# 
loop_
_struct_conn.id 
_struct_conn.conn_type_id 
_struct_conn.pdbx_leaving_atom_flag 
_struct_conn.pdbx_PDB_id 
_struct_conn.ptnr1_label_asym_id 
_struct_conn.ptnr1_label_comp_id 
_struct_conn.ptnr1_label_seq_id 
_struct_conn.ptnr1_label_atom_id 
_struct_conn.pdbx_ptnr1_label_alt_id 
_struct_conn.pdbx_ptnr1_PDB_ins_code 
_struct_conn.pdbx_ptnr1_standard_comp_id 
_struct_conn.ptnr1_symmetry 
_struct_conn.ptnr2_label_asym_id 
_struct_conn.ptnr2_label_comp_id 
_struct_conn.ptnr2_label_seq_id 
_struct_conn.ptnr2_label_atom_id 
_struct_conn.pdbx_ptnr2_label_alt_id 
_struct_conn.pdbx_ptnr2_PDB_ins_code 
_struct_conn.ptnr1_auth_asym_id 
_struct_conn.ptnr1_auth_comp_id 
_struct_conn.ptnr1_auth_seq_id 
_struct_conn.ptnr2_auth_asym_id 
_struct_conn.ptnr2_auth_comp_id 
_struct_conn.ptnr2_auth_seq_id 
_struct_conn.ptnr2_symmetry 
_struct_conn.pdbx_ptnr3_label_atom_id 
_struct_conn.pdbx_ptnr3_label_seq_id 
_struct_conn.pdbx_ptnr3_label_comp_id 
_struct_conn.pdbx_ptnr3_label_asym_id 
_struct_conn.pdbx_ptnr3_label_alt_id 
_struct_conn.pdbx_ptnr3_PDB_ins_code 
_struct_conn.details 
_struct_conn.pdbx_dist_value 
_struct_conn.pdbx_value_order 
_struct_conn.pdbx_role 
hydrog1  hydrog ? ? A DC 1  N3 ? ? ? 1_555 B DG 12 N1 ? ? B DC 1  C DG 24 1_555 ? ? ? ? ? ? WATSON-CRICK ? ? ? 
hydrog2  hydrog ? ? A DC 1  N4 ? ? ? 1_555 B DG 12 O6 ? ? B DC 1  C DG 24 1_555 ? ? ? ? ? ? WATSON-CRICK ? ? ? 
hydrog3  hydrog ? ? A DC 1  O2 ? ? ? 1_555 B DG 12 N2 ? ? B DC 1  C DG 24 1_555 ? ? ? ? ? ? WATSON-CRICK ? ? ? 
hydrog4  hydrog ? ? A DG 2  N1 ? ? ? 1_555 B DC 11 N3 ? ? B DG 2  C DC 23 1_555 ? ? ? ? ? ? WATSON-CRICK ? ? ? 
hydrog5  hydrog ? ? A DG 2  N2 ? ? ? 1_555 B DC 11 O2 ? ? B DG 2  C DC 23 1_555 ? ? ? ? ? ? WATSON-CRICK ? ? ? 
hydrog6  hydrog ? ? A DG 2  O6 ? ? ? 1_555 B DC 11 N4 ? ? B DG 2  C DC 23 1_555 ? ? ? ? ? ? WATSON-CRICK ? ? ? 
hydrog7  hydrog ? ? A DC 3  N3 ? ? ? 1_555 B DG 10 N1 ? ? B DC 3  C DG 22 1_555 ? ? ? ? ? ? WATSON-CRICK ? ? ? 
hydrog8  hydrog ? ? A DC 3  N4 ? ? ? 1_555 B DG 10 O6 ? ? B DC 3  C DG 22 1_555 ? ? ? ? ? ? WATSON-CRICK ? ? ? 
hydrog9  hydrog ? ? A DC 3  O2 ? ? ? 1_555 B DG 10 N2 ? ? B DC 3  C DG 22 1_555 ? ? ? ? ? ? WATSON-CRICK ? ? ? 
hydrog10 hydrog ? ? A DA 4  N1 ? ? ? 1_555 B DT 9  N3 ? ? B DA 4  C DT 21 1_555 ? ? ? ? ? ? WATSON-CRICK ? ? ? 
hydrog11 hydrog ? ? A DA 4  N6 ? ? ? 1_555 B DT 9  O4 ? ? B DA 4  C DT 21 1_555 ? ? ? ? ? ? WATSON-CRICK ? ? ? 
hydrog12 hydrog ? ? A DA 5  N1 ? ? ? 1_555 B DT 8  N3 ? ? B DA 5  C DT 20 1_555 ? ? ? ? ? ? WATSON-CRICK ? ? ? 
hydrog13 hydrog ? ? A DA 5  N6 ? ? ? 1_555 B DT 8  O4 ? ? B DA 5  C DT 20 1_555 ? ? ? ? ? ? WATSON-CRICK ? ? ? 
hydrog14 hydrog ? ? A DA 6  N1 ? ? ? 1_555 B DT 7  N3 ? ? B DA 6  C DT 19 1_555 ? ? ? ? ? ? WATSON-CRICK ? ? ? 
hydrog15 hydrog ? ? A DA 6  N6 ? ? ? 1_555 B DT 7  O4 ? ? B DA 6  C DT 19 1_555 ? ? ? ? ? ? WATSON-CRICK ? ? ? 
hydrog16 hydrog ? ? A DA 7  N1 ? ? ? 1_555 B DT 6  N3 ? ? B DA 7  C DT 18 1_555 ? ? ? ? ? ? WATSON-CRICK ? ? ? 
hydrog17 hydrog ? ? A DA 7  N6 ? ? ? 1_555 B DT 6  O4 ? ? B DA 7  C DT 18 1_555 ? ? ? ? ? ? WATSON-CRICK ? ? ? 
hydrog18 hydrog ? ? A DA 8  N1 ? ? ? 1_555 B DT 5  N3 ? ? B DA 8  C DT 17 1_555 ? ? ? ? ? ? WATSON-CRICK ? ? ? 
hydrog19 hydrog ? ? A DA 8  N6 ? ? ? 1_555 B DT 5  O4 ? ? B DA 8  C DT 17 1_555 ? ? ? ? ? ? WATSON-CRICK ? ? ? 
hydrog20 hydrog ? ? A DA 9  N1 ? ? ? 1_555 B DT 4  N3 ? ? B DA 9  C DT 16 1_555 ? ? ? ? ? ? WATSON-CRICK ? ? ? 
hydrog21 hydrog ? ? A DA 9  N6 ? ? ? 1_555 B DT 4  O4 ? ? B DA 9  C DT 16 1_555 ? ? ? ? ? ? WATSON-CRICK ? ? ? 
hydrog22 hydrog ? ? A DG 10 N1 ? ? ? 1_555 B DC 3  N3 ? ? B DG 10 C DC 15 1_555 ? ? ? ? ? ? WATSON-CRICK ? ? ? 
hydrog23 hydrog ? ? A DG 10 N2 ? ? ? 1_555 B DC 3  O2 ? ? B DG 10 C DC 15 1_555 ? ? ? ? ? ? WATSON-CRICK ? ? ? 
hydrog24 hydrog ? ? A DG 10 O6 ? ? ? 1_555 B DC 3  N4 ? ? B DG 10 C DC 15 1_555 ? ? ? ? ? ? WATSON-CRICK ? ? ? 
hydrog25 hydrog ? ? A DC 11 N3 ? ? ? 1_555 B DG 2  N1 ? ? B DC 11 C DG 14 1_555 ? ? ? ? ? ? WATSON-CRICK ? ? ? 
hydrog26 hydrog ? ? A DC 11 N4 ? ? ? 1_555 B DG 2  O6 ? ? B DC 11 C DG 14 1_555 ? ? ? ? ? ? WATSON-CRICK ? ? ? 
hydrog27 hydrog ? ? A DC 11 O2 ? ? ? 1_555 B DG 2  N2 ? ? B DC 11 C DG 14 1_555 ? ? ? ? ? ? WATSON-CRICK ? ? ? 
hydrog28 hydrog ? ? A DG 12 N1 ? ? ? 1_555 B DC 1  N3 ? ? B DG 12 C DC 13 1_555 ? ? ? ? ? ? WATSON-CRICK ? ? ? 
hydrog29 hydrog ? ? A DG 12 N2 ? ? ? 1_555 B DC 1  O2 ? ? B DG 12 C DC 13 1_555 ? ? ? ? ? ? WATSON-CRICK ? ? ? 
hydrog30 hydrog ? ? A DG 12 O6 ? ? ? 1_555 B DC 1  N4 ? ? B DG 12 C DC 13 1_555 ? ? ? ? ? ? WATSON-CRICK ? ? ? 
# 
_struct_conn_type.id          hydrog 
_struct_conn_type.criteria    ? 
_struct_conn_type.reference   ? 
# 
_atom_sites.entry_id                    8F20 
_atom_sites.Cartn_transf_matrix[1][1]   ? 
_atom_sites.Cartn_transf_matrix[1][2]   ? 
_atom_sites.Cartn_transf_matrix[1][3]   ? 
_atom_sites.Cartn_transf_matrix[2][1]   ? 
_atom_sites.Cartn_transf_matrix[2][2]   ? 
_atom_sites.Cartn_transf_matrix[2][3]   ? 
_atom_sites.Cartn_transf_matrix[3][1]   ? 
_atom_sites.Cartn_transf_matrix[3][2]   ? 
_atom_sites.Cartn_transf_matrix[3][3]   ? 
_atom_sites.Cartn_transf_vector[1]      ? 
_atom_sites.Cartn_transf_vector[2]      ? 
_atom_sites.Cartn_transf_vector[3]      ? 
_atom_sites.fract_transf_matrix[1][1]   0.02461995 
_atom_sites.fract_transf_matrix[1][2]   0.01550881 
_atom_sites.fract_transf_matrix[1][3]   -0.02591988 
_atom_sites.fract_transf_matrix[2][1]   -0.01613670 
_atom_sites.fract_transf_matrix[2][2]   0.01705771 
_atom_sites.fract_transf_matrix[2][3]   -0.00512117 
_atom_sites.fract_transf_matrix[3][1]   0.00594385 
_atom_sites.fract_transf_matrix[3][2]   0.00892033 
_atom_sites.fract_transf_matrix[3][3]   0.01098311 
_atom_sites.fract_transf_vector[1]      0.596322 
_atom_sites.fract_transf_vector[2]      0.524103 
_atom_sites.fract_transf_vector[3]      0.135640 
_atom_sites.solution_primary            ? 
_atom_sites.solution_secondary          ? 
_atom_sites.solution_hydrogens          ? 
_atom_sites.special_details             ? 
# 
loop_
_atom_type.symbol 
_atom_type.scat_dispersion_real 
_atom_type.scat_dispersion_imag 
_atom_type.scat_Cromer_Mann_a1 
_atom_type.scat_Cromer_Mann_a2 
_atom_type.scat_Cromer_Mann_a3 
_atom_type.scat_Cromer_Mann_a4 
_atom_type.scat_Cromer_Mann_b1 
_atom_type.scat_Cromer_Mann_b2 
_atom_type.scat_Cromer_Mann_b3 
_atom_type.scat_Cromer_Mann_b4 
_atom_type.scat_Cromer_Mann_c 
_atom_type.scat_source 
_atom_type.scat_dispersion_source 
C ? ? 3.54356 2.42580 ? ? 25.62398 1.50364  ? ? 0.0 
;2-Gaussian fit: Grosse-Kunstleve RW, Sauter NK, Adams PD: Newsletter of the IUCr Commission on Crystallographic Computing 2004, 3, 22-31.
;
? 
H ? ? 0.51345 0.48472 ? ? 24.73122 6.32584  ? ? 0.0 
;2-Gaussian fit: Grosse-Kunstleve RW, Sauter NK, Adams PD: Newsletter of the IUCr Commission on Crystallographic Computing 2004, 3, 22-31.
;
? 
N ? ? 4.01032 2.96436 ? ? 19.97189 1.75589  ? ? 0.0 
;2-Gaussian fit: Grosse-Kunstleve RW, Sauter NK, Adams PD: Newsletter of the IUCr Commission on Crystallographic Computing 2004, 3, 22-31.
;
? 
O ? ? 4.49882 3.47563 ? ? 15.80542 1.70748  ? ? 0.0 
;2-Gaussian fit: Grosse-Kunstleve RW, Sauter NK, Adams PD: Newsletter of the IUCr Commission on Crystallographic Computing 2004, 3, 22-31.
;
? 
P ? ? 9.51135 5.44231 ? ? 1.42069  35.72801 ? ? 0.0 
;2-Gaussian fit: Grosse-Kunstleve RW, Sauter NK, Adams PD: Newsletter of the IUCr Commission on Crystallographic Computing 2004, 3, 22-31.
;
? 
# 
loop_
_atom_site.group_PDB 
_atom_site.id 
_atom_site.type_symbol 
_atom_site.label_atom_id 
_atom_site.label_alt_id 
_atom_site.label_comp_id 
_atom_site.label_asym_id 
_atom_site.label_entity_id 
_atom_site.label_seq_id 
_atom_site.pdbx_PDB_ins_code 
_atom_site.Cartn_x 
_atom_site.Cartn_y 
_atom_site.Cartn_z 
_atom_site.occupancy 
_atom_site.B_iso_or_equiv 
_atom_site.pdbx_formal_charge 
_atom_site.auth_seq_id 
_atom_site.auth_comp_id 
_atom_site.auth_asym_id 
_atom_site.auth_atom_id 
_atom_site.pdbx_PDB_model_num 
ATOM   1   O "O5'"  . DC  A 1 1  ? -0.68741  19.73565  5.88858   1.000 76.36760  ? 1   DC  B "O5'"  1 
ATOM   2   C "C5'"  . DC  A 1 1  ? -0.10480  20.00867  4.60629   1.000 61.95225  ? 1   DC  B "C5'"  1 
ATOM   3   C "C4'"  . DC  A 1 1  ? 1.10124   19.12037  4.37468   1.000 59.06750  ? 1   DC  B "C4'"  1 
ATOM   4   O "O4'"  . DC  A 1 1  ? 1.47741   18.43119  5.60533   1.000 53.26593  ? 1   DC  B "O4'"  1 
ATOM   5   C "C3'"  . DC  A 1 1  ? 0.93237   18.03743  3.31282   1.000 64.30870  ? 1   DC  B "C3'"  1 
ATOM   6   O "O3'"  . DC  A 1 1  ? 2.06547   18.08163  2.47641   1.000 71.24732  ? 1   DC  B "O3'"  1 
ATOM   7   C "C2'"  . DC  A 1 1  ? 0.88410   16.72851  4.13370   1.000 60.97072  ? 1   DC  B "C2'"  1 
ATOM   8   C "C1'"  . DC  A 1 1  ? 1.77817   17.08709  5.31926   1.000 54.15906  ? 1   DC  B "C1'"  1 
ATOM   9   N N1     . DC  A 1 1  ? 1.53295   16.26554  6.55221   1.000 51.05619  ? 1   DC  B N1     1 
ATOM   10  C C2     . DC  A 1 1  ? 2.62371   15.75776  7.28812   1.000 57.84001  ? 1   DC  B C2     1 
ATOM   11  O O2     . DC  A 1 1  ? 3.77654   15.99221  6.91405   1.000 58.34196  ? 1   DC  B O2     1 
ATOM   12  N N3     . DC  A 1 1  ? 2.38371   15.02336  8.39953   1.000 67.77033  ? 1   DC  B N3     1 
ATOM   13  C C4     . DC  A 1 1  ? 1.13104   14.78137  8.78404   1.000 64.87473  ? 1   DC  B C4     1 
ATOM   14  N N4     . DC  A 1 1  ? 0.95264   14.04332  9.88232   1.000 63.17171  ? 1   DC  B N4     1 
ATOM   15  C C5     . DC  A 1 1  ? 0.00912   15.27715  8.04884   1.000 68.85107  ? 1   DC  B C5     1 
ATOM   16  C C6     . DC  A 1 1  ? 0.25790   16.00856  6.94876   1.000 64.81267  ? 1   DC  B C6     1 
ATOM   17  P P      . DG  A 1 2  ? 2.03561   17.42979  1.01663   1.000 81.35974  ? 2   DG  B P      1 
ATOM   18  O OP1    . DG  A 1 2  ? 1.50370   18.48753  0.11938   1.000 74.93347  ? 2   DG  B OP1    1 
ATOM   19  O OP2    . DG  A 1 2  ? 1.43761   16.06793  1.12468   1.000 64.28123  ? 2   DG  B OP2    1 
ATOM   20  O "O5'"  . DG  A 1 2  ? 3.57098   17.24888  0.64156   1.000 73.22426  ? 2   DG  B "O5'"  1 
ATOM   21  C "C5'"  . DG  A 1 2  ? 4.57436   17.41958  1.62724   1.000 63.53566  ? 2   DG  B "C5'"  1 
ATOM   22  C "C4'"  . DG  A 1 2  ? 5.43261   16.18446  1.75333   1.000 65.76919  ? 2   DG  B "C4'"  1 
ATOM   23  O "O4'"  . DG  A 1 2  ? 5.08740   15.49887  2.98042   1.000 63.16347  ? 2   DG  B "O4'"  1 
ATOM   24  C "C3'"  . DG  A 1 2  ? 5.29145   15.15729  0.62445   1.000 66.64833  ? 2   DG  B "C3'"  1 
ATOM   25  O "O3'"  . DG  A 1 2  ? 6.56884   14.85702  0.10241   1.000 61.70674  ? 2   DG  B "O3'"  1 
ATOM   26  C "C2'"  . DG  A 1 2  ? 4.62881   13.95090  1.29130   1.000 58.89418  ? 2   DG  B "C2'"  1 
ATOM   27  C "C1'"  . DG  A 1 2  ? 5.00798   14.11389  2.76247   1.000 61.21868  ? 2   DG  B "C1'"  1 
ATOM   28  N N9     . DG  A 1 2  ? 4.02952   13.55493  3.71816   1.000 60.79022  ? 2   DG  B N9     1 
ATOM   29  C C8     . DG  A 1 2  ? 2.65612   13.69624  3.68019   1.000 63.22758  ? 2   DG  B C8     1 
ATOM   30  N N7     . DG  A 1 2  ? 2.04386   13.10969  4.67131   1.000 49.99705  ? 2   DG  B N7     1 
ATOM   31  C C5     . DG  A 1 2  ? 3.06641   12.56568  5.42239   1.000 55.32493  ? 2   DG  B C5     1 
ATOM   32  C C6     . DG  A 1 2  ? 2.99876   11.81022  6.60198   1.000 55.05784  ? 2   DG  B C6     1 
ATOM   33  O O6     . DG  A 1 2  ? 1.98250   11.48060  7.23572   1.000 59.74165  ? 2   DG  B O6     1 
ATOM   34  N N1     . DG  A 1 2  ? 4.26244   11.45715  7.05899   1.000 54.36826  ? 2   DG  B N1     1 
ATOM   35  C C2     . DG  A 1 2  ? 5.44144   11.76944  6.41802   1.000 52.90829  ? 2   DG  B C2     1 
ATOM   36  N N2     . DG  A 1 2  ? 6.56312   11.33702  6.99287   1.000 45.43899  ? 2   DG  B N2     1 
ATOM   37  N N3     . DG  A 1 2  ? 5.51377   12.46977  5.29775   1.000 58.72185  ? 2   DG  B N3     1 
ATOM   38  C C4     . DG  A 1 2  ? 4.29505   12.83818  4.86168   1.000 52.92983  ? 2   DG  B C4     1 
ATOM   39  H "H5'"  . DG  A 1 2  ? 4.15309   17.60277  2.48156   1.000 76.61106  ? 2   DG  B "H5'"  1 
ATOM   40  H "H5''" . DG  A 1 2  ? 5.13479   18.17284  1.38351   1.000 76.61106  ? 2   DG  B "H5''" 1 
ATOM   41  H "H4'"  . DG  A 1 2  ? 6.36553   16.44716  1.79245   1.000 79.29129  ? 2   DG  B "H4'"  1 
ATOM   42  H "H3'"  . DG  A 1 2  ? 4.70008   15.49293  -0.06730  1.000 80.34625  ? 2   DG  B "H3'"  1 
ATOM   43  H "H2'"  . DG  A 1 2  ? 3.66617   13.97104  1.17374   1.000 71.04127  ? 2   DG  B "H2'"  1 
ATOM   44  H "H2''" . DG  A 1 2  ? 4.97359   13.11882  0.93119   1.000 71.04127  ? 2   DG  B "H2''" 1 
ATOM   45  H "H1'"  . DG  A 1 2  ? 5.86786   13.69242  2.91698   1.000 73.83067  ? 2   DG  B "H1'"  1 
ATOM   46  H H8     . DG  A 1 2  ? 2.21049   14.16484  3.01181   1.000 76.24135  ? 2   DG  B H8     1 
ATOM   47  H H1     . DG  A 1 2  ? 4.31223   11.01251  7.79344   1.000 65.61017  ? 2   DG  B H1     1 
ATOM   48  H H21    . DG  A 1 2  ? 7.32517   11.51377  6.63561   1.000 54.89504  ? 2   DG  B H21    1 
ATOM   49  H H22    . DG  A 1 2  ? 6.52499   10.88119  7.72113   1.000 54.89504  ? 2   DG  B H22    1 
ATOM   50  P P      . DC  A 1 3  ? 6.73316   13.89715  -1.17829  1.000 74.70441  ? 3   DC  B P      1 
ATOM   51  O OP1    . DC  A 1 3  ? 7.80706   14.57253  -1.95929  1.000 71.87230  ? 3   DC  B OP1    1 
ATOM   52  O OP2    . DC  A 1 3  ? 5.40442   13.60065  -1.77537  1.000 70.02005  ? 3   DC  B OP2    1 
ATOM   53  O "O5'"  . DC  A 1 3  ? 7.23713   12.51122  -0.55956  1.000 61.73586  ? 3   DC  B "O5'"  1 
ATOM   54  C "C5'"  . DC  A 1 3  ? 8.35619   12.49833  0.30220   1.000 67.42780  ? 3   DC  B "C5'"  1 
ATOM   55  C "C4'"  . DC  A 1 3  ? 8.35872   11.26755  1.20329   1.000 61.36012  ? 3   DC  B "C4'"  1 
ATOM   56  O "O4'"  . DC  A 1 3  ? 7.22691   11.30240  2.09241   1.000 59.75538  ? 3   DC  B "O4'"  1 
ATOM   57  C "C3'"  . DC  A 1 3  ? 8.26336   9.92812   0.48025   1.000 51.63726  ? 3   DC  B "C3'"  1 
ATOM   58  O "O3'"  . DC  A 1 3  ? 9.55935   9.43340   0.24967   1.000 59.35090  ? 3   DC  B "O3'"  1 
ATOM   59  C "C2'"  . DC  A 1 3  ? 7.47225   9.03176   1.44542   1.000 61.49892  ? 3   DC  B "C2'"  1 
ATOM   60  C "C1'"  . DC  A 1 3  ? 6.94294   9.99309   2.52251   1.000 56.70577  ? 3   DC  B "C1'"  1 
ATOM   61  N N1     . DC  A 1 3  ? 5.50130   9.93271   2.72568   1.000 60.91946  ? 3   DC  B N1     1 
ATOM   62  C C2     . DC  A 1 3  ? 4.97788   9.35173   3.89677   1.000 59.90687  ? 3   DC  B C2     1 
ATOM   63  O O2     . DC  A 1 3  ? 5.75410   8.84071   4.72801   1.000 57.59393  ? 3   DC  B O2     1 
ATOM   64  N N3     . DC  A 1 3  ? 3.63307   9.36279   4.07813   1.000 53.08075  ? 3   DC  B N3     1 
ATOM   65  C C4     . DC  A 1 3  ? 2.83820   9.92596   3.15482   1.000 53.30018  ? 3   DC  B C4     1 
ATOM   66  N N4     . DC  A 1 3  ? 1.52531   9.91426   3.37018   1.000 52.83195  ? 3   DC  B N4     1 
ATOM   67  C C5     . DC  A 1 3  ? 3.36259   10.53318  1.96961   1.000 57.57812  ? 3   DC  B C5     1 
ATOM   68  C C6     . DC  A 1 3  ? 4.68327   10.51158  1.80104   1.000 53.85092  ? 3   DC  B C6     1 
ATOM   69  H "H5'"  . DC  A 1 3  ? 8.33893   13.29516  0.85507   1.000 81.28162  ? 3   DC  B "H5'"  1 
ATOM   70  H "H5''" . DC  A 1 3  ? 9.16634   12.50156  -0.23123  1.000 81.28162  ? 3   DC  B "H5''" 1 
ATOM   71  H "H4'"  . DC  A 1 3  ? 9.17060   11.28179  1.73390   1.000 74.00041  ? 3   DC  B "H4'"  1 
ATOM   72  H "H3'"  . DC  A 1 3  ? 7.76413   10.02607  -0.34563  1.000 62.33297  ? 3   DC  B "H3'"  1 
ATOM   73  H "H2'"  . DC  A 1 3  ? 6.73963   8.59286   0.98551   1.000 74.16696  ? 3   DC  B "H2'"  1 
ATOM   74  H "H2''" . DC  A 1 3  ? 8.04766   8.35712   1.83871   1.000 74.16696  ? 3   DC  B "H2''" 1 
ATOM   75  H "H1'"  . DC  A 1 3  ? 7.41176   9.79592   3.34849   1.000 68.41518  ? 3   DC  B "H1'"  1 
ATOM   76  H H41    . DC  A 1 3  ? 0.99211   10.26786  2.79550   1.000 63.76660  ? 3   DC  B H41    1 
ATOM   77  H H42    . DC  A 1 3  ? 1.20987   9.55310   4.08409   1.000 63.76660  ? 3   DC  B H42    1 
ATOM   78  H H5     . DC  A 1 3  ? 2.80220   10.92787  1.34105   1.000 69.46201  ? 3   DC  B H5     1 
ATOM   79  H H6     . DC  A 1 3  ? 5.05373   10.89756  1.04034   1.000 64.98937  ? 3   DC  B H6     1 
ATOM   80  P P      . DA  A 1 4  ? 9.78538   7.98633   -0.40286  1.000 67.83217  ? 4   DA  B P      1 
ATOM   81  O OP1    . DA  A 1 4  ? 11.24605  7.74922   -0.57794  1.000 60.00164  ? 4   DA  B OP1    1 
ATOM   82  O OP2    . DA  A 1 4  ? 8.89254   7.93001   -1.58007  1.000 53.76965  ? 4   DA  B OP2    1 
ATOM   83  O "O5'"  . DA  A 1 4  ? 9.43337   6.97686   0.78316   1.000 61.34054  ? 4   DA  B "O5'"  1 
ATOM   84  C "C5'"  . DA  A 1 4  ? 10.50562  6.59738   1.67198   1.000 56.70603  ? 4   DA  B "C5'"  1 
ATOM   85  C "C4'"  . DA  A 1 4  ? 10.05975  5.52951   2.65782   1.000 66.56612  ? 4   DA  B "C4'"  1 
ATOM   86  O "O4'"  . DA  A 1 4  ? 8.72921   5.83900   3.13823   1.000 56.81281  ? 4   DA  B "O4'"  1 
ATOM   87  C "C3'"  . DA  A 1 4  ? 10.01596  4.10365   2.10909   1.000 63.03391  ? 4   DA  B "C3'"  1 
ATOM   88  O "O3'"  . DA  A 1 4  ? 10.64931  3.20846   3.03602   1.000 69.72984  ? 4   DA  B "O3'"  1 
ATOM   89  C "C2'"  . DA  A 1 4  ? 8.51248   3.80526   1.93817   1.000 62.45495  ? 4   DA  B "C2'"  1 
ATOM   90  C "C1'"  . DA  A 1 4  ? 7.85622   4.74671   2.95170   1.000 58.10272  ? 4   DA  B "C1'"  1 
ATOM   91  N N9     . DA  A 1 4  ? 6.56783   5.29237   2.51999   1.000 53.09905  ? 4   DA  B N9     1 
ATOM   92  C C8     . DA  A 1 4  ? 6.28600   5.93600   1.33825   1.000 53.86633  ? 4   DA  B C8     1 
ATOM   93  N N7     . DA  A 1 4  ? 5.02810   6.34139   1.22572   1.000 54.74343  ? 4   DA  B N7     1 
ATOM   94  C C5     . DA  A 1 4  ? 4.44784   5.92756   2.43521   1.000 56.06082  ? 4   DA  B C5     1 
ATOM   95  C C6     . DA  A 1 4  ? 3.13779   6.02565   2.94089   1.000 57.70969  ? 4   DA  B C6     1 
ATOM   96  N N6     . DA  A 1 4  ? 2.13493   6.62192   2.27040   1.000 65.54411  ? 4   DA  B N6     1 
ATOM   97  N N1     . DA  A 1 4  ? 2.89085   5.48962   4.17436   1.000 62.55847  ? 4   DA  B N1     1 
ATOM   98  C C2     . DA  A 1 4  ? 3.90605   4.89866   4.84246   1.000 63.97184  ? 4   DA  B C2     1 
ATOM   99  N N3     . DA  A 1 4  ? 5.18446   4.72805   4.45724   1.000 57.33368  ? 4   DA  B N3     1 
ATOM   100 C C4     . DA  A 1 4  ? 5.38786   5.27603   3.23794   1.000 58.75015  ? 4   DA  B C4     1 
ATOM   101 P P      . DA  A 1 5  ? 10.95028  1.69644   2.59301   1.000 84.22777  ? 5   DA  B P      1 
ATOM   102 O OP1    . DA  A 1 5  ? 12.34105  1.37407   2.98730   1.000 80.76525  ? 5   DA  B OP1    1 
ATOM   103 O OP2    . DA  A 1 5  ? 10.51822  1.56428   1.18002   1.000 57.72028  ? 5   DA  B OP2    1 
ATOM   104 O "O5'"  . DA  A 1 5  ? 9.93375   0.84585   3.47638   1.000 67.18407  ? 5   DA  B "O5'"  1 
ATOM   105 C "C5'"  . DA  A 1 5  ? 9.73831   1.20108   4.83116   1.000 68.44079  ? 5   DA  B "C5'"  1 
ATOM   106 C "C4'"  . DA  A 1 5  ? 8.42674   0.64796   5.34271   1.000 62.94867  ? 5   DA  B "C4'"  1 
ATOM   107 O "O4'"  . DA  A 1 5  ? 7.31656   1.43217   4.81892   1.000 55.08994  ? 5   DA  B "O4'"  1 
ATOM   108 C "C3'"  . DA  A 1 5  ? 8.15394   -0.80822  4.97260   1.000 59.04489  ? 5   DA  B "C3'"  1 
ATOM   109 O "O3'"  . DA  A 1 5  ? 7.88383   -1.55199  6.16325   1.000 69.58856  ? 5   DA  B "O3'"  1 
ATOM   110 C "C2'"  . DA  A 1 5  ? 6.93733   -0.73788  4.02067   1.000 58.65271  ? 5   DA  B "C2'"  1 
ATOM   111 C "C1'"  . DA  A 1 5  ? 6.27249   0.58430   4.40897   1.000 53.42550  ? 5   DA  B "C1'"  1 
ATOM   112 N N9     . DA  A 1 5  ? 5.55053   1.25893   3.31214   1.000 52.31442  ? 5   DA  B N9     1 
ATOM   113 C C8     . DA  A 1 5  ? 6.04632   1.62948   2.09158   1.000 53.63043  ? 5   DA  B C8     1 
ATOM   114 N N7     . DA  A 1 5  ? 5.17068   2.25668   1.31858   1.000 60.00307  ? 5   DA  B N7     1 
ATOM   115 C C5     . DA  A 1 5  ? 4.02582   2.32086   2.10199   1.000 54.81199  ? 5   DA  B C5     1 
ATOM   116 C C6     . DA  A 1 5  ? 2.73539   2.85600   1.87539   1.000 53.69233  ? 5   DA  B C6     1 
ATOM   117 N N6     . DA  A 1 5  ? 2.36757   3.47032   0.74122   1.000 48.89211  ? 5   DA  B N6     1 
ATOM   118 N N1     . DA  A 1 5  ? 1.82649   2.75265   2.88356   1.000 58.22995  ? 5   DA  B N1     1 
ATOM   119 C C2     . DA  A 1 5  ? 2.19220   2.14812   4.01795   1.000 55.18847  ? 5   DA  B C2     1 
ATOM   120 N N3     . DA  A 1 5  ? 3.36843   1.60577   4.34657   1.000 51.49876  ? 5   DA  B N3     1 
ATOM   121 C C4     . DA  A 1 5  ? 4.24595   1.71579   3.33685   1.000 59.08812  ? 5   DA  B C4     1 
ATOM   122 P P      . DA  A 1 6  ? 7.62356   -3.14078  6.09887   1.000 71.75099  ? 6   DA  B P      1 
ATOM   123 O OP1    . DA  A 1 6  ? 8.24521   -3.71681  7.31408   1.000 64.50142  ? 6   DA  B OP1    1 
ATOM   124 O OP2    . DA  A 1 6  ? 8.04921   -3.62701  4.75233   1.000 58.06975  ? 6   DA  B OP2    1 
ATOM   125 O "O5'"  . DA  A 1 6  ? 6.03361   -3.23163  6.27515   1.000 52.44904  ? 6   DA  B "O5'"  1 
ATOM   126 C "C5'"  . DA  A 1 6  ? 5.42711   -2.40897  7.28350   1.000 67.50145  ? 6   DA  B "C5'"  1 
ATOM   127 C "C4'"  . DA  A 1 6  ? 3.92460   -2.56748  7.30215   1.000 63.28900  ? 6   DA  B "C4'"  1 
ATOM   128 O "O4'"  . DA  A 1 6  ? 3.34567   -1.77892  6.23411   1.000 54.82974  ? 6   DA  B "O4'"  1 
ATOM   129 C "C3'"  . DA  A 1 6  ? 3.41870   -4.00786  7.11446   1.000 56.08516  ? 6   DA  B "C3'"  1 
ATOM   130 O "O3'"  . DA  A 1 6  ? 2.41448   -4.29297  8.09489   1.000 67.74655  ? 6   DA  B "O3'"  1 
ATOM   131 C "C2'"  . DA  A 1 6  ? 2.88097   -4.03861  5.69025   1.000 60.79153  ? 6   DA  B "C2'"  1 
ATOM   132 C "C1'"  . DA  A 1 6  ? 2.50951   -2.59166  5.42322   1.000 57.50674  ? 6   DA  B "C1'"  1 
ATOM   133 N N9     . DA  A 1 6  ? 2.70958   -2.16352  4.05935   1.000 55.20154  ? 6   DA  B N9     1 
ATOM   134 C C8     . DA  A 1 6  ? 3.81974   -2.34741  3.27418   1.000 53.98837  ? 6   DA  B C8     1 
ATOM   135 N N7     . DA  A 1 6  ? 3.72344   -1.78005  2.08659   1.000 58.42295  ? 6   DA  B N7     1 
ATOM   136 C C5     . DA  A 1 6  ? 2.48267   -1.16173  2.13023   1.000 54.81269  ? 6   DA  B C5     1 
ATOM   137 C C6     . DA  A 1 6  ? 1.78859   -0.39741  1.20100   1.000 55.70711  ? 6   DA  B C6     1 
ATOM   138 N N6     . DA  A 1 6  ? 2.27242   -0.12638  0.01406   1.000 53.19346  ? 6   DA  B N6     1 
ATOM   139 N N1     . DA  A 1 6  ? 0.55609   0.07386   1.54269   1.000 61.58774  ? 6   DA  B N1     1 
ATOM   140 C C2     . DA  A 1 6  ? 0.07380   -0.22006  2.76382   1.000 61.08004  ? 6   DA  B C2     1 
ATOM   141 N N3     . DA  A 1 6  ? 0.64145   -0.95393  3.72789   1.000 53.20923  ? 6   DA  B N3     1 
ATOM   142 C C4     . DA  A 1 6  ? 1.85329   -1.39242  3.33816   1.000 56.11671  ? 6   DA  B C4     1 
ATOM   143 H "H5'"  . DA  A 1 6  ? 5.64522   -1.48031  7.10767   1.000 81.37000  ? 6   DA  B "H5'"  1 
ATOM   144 H "H5''" . DA  A 1 6  ? 5.78241   -2.65803  8.15104   1.000 81.37000  ? 6   DA  B "H5''" 1 
ATOM   145 H "H4'"  . DA  A 1 6  ? 3.57641   -2.23559  8.14446   1.000 76.31506  ? 6   DA  B "H4'"  1 
ATOM   146 H "H3'"  . DA  A 1 6  ? 4.15555   -4.63545  7.17832   1.000 67.67045  ? 6   DA  B "H3'"  1 
ATOM   147 H "H2'"  . DA  A 1 6  ? 3.55859   -4.34566  5.06779   1.000 73.31809  ? 6   DA  B "H2'"  1 
ATOM   148 H "H2''" . DA  A 1 6  ? 2.10485   -4.61649  5.62252   1.000 73.31809  ? 6   DA  B "H2''" 1 
ATOM   149 H "H1'"  . DA  A 1 6  ? 1.58067   -2.47663  5.67801   1.000 69.37634  ? 6   DA  B "H1'"  1 
ATOM   150 H H8     . DA  A 1 6  ? 4.56750   -2.82551  3.55198   1.000 65.15430  ? 6   DA  B H8     1 
ATOM   151 H H61    . DA  A 1 6  ? 1.81332   0.34439   -0.54021  1.000 64.20041  ? 6   DA  B H61    1 
ATOM   152 H H62    . DA  A 1 6  ? 3.04912   -0.41921  -0.21084  1.000 64.20041  ? 6   DA  B H62    1 
ATOM   153 H H2     . DA  A 1 6  ? -0.76309  0.13281   2.96385   1.000 73.66431  ? 6   DA  B H2     1 
ATOM   154 P P      . DA  A 1 7  ? 1.70737   -5.73622  8.19955   1.000 58.90975  ? 7   DA  B P      1 
ATOM   155 O OP1    . DA  A 1 7  ? 1.30734   -5.92452  9.61767   1.000 64.92201  ? 7   DA  B OP1    1 
ATOM   156 O OP2    . DA  A 1 7  ? 2.55076   -6.74754  7.49228   1.000 63.59128  ? 7   DA  B OP2    1 
ATOM   157 O "O5'"  . DA  A 1 7  ? 0.33557   -5.51083  7.36527   1.000 60.64888  ? 7   DA  B "O5'"  1 
ATOM   158 C "C5'"  . DA  A 1 7  ? -0.41052  -4.30555  7.59460   1.000 60.40634  ? 7   DA  B "C5'"  1 
ATOM   159 C "C4'"  . DA  A 1 7  ? -1.62797  -4.21677  6.68877   1.000 56.49419  ? 7   DA  B "C4'"  1 
ATOM   160 O "O4'"  . DA  A 1 7  ? -1.26758  -3.60773  5.41836   1.000 46.05277  ? 7   DA  B "O4'"  1 
ATOM   161 C "C3'"  . DA  A 1 7  ? -2.31870  -5.55515  6.36742   1.000 57.33929  ? 7   DA  B "C3'"  1 
ATOM   162 O "O3'"  . DA  A 1 7  ? -3.71545  -5.42806  6.63986   1.000 47.02421  ? 7   DA  B "O3'"  1 
ATOM   163 C "C2'"  . DA  A 1 7  ? -2.02816  -5.78982  4.86374   1.000 49.33343  ? 7   DA  B "C2'"  1 
ATOM   164 C "C1'"  . DA  A 1 7  ? -1.80832  -4.36104  4.34965   1.000 59.15413  ? 7   DA  B "C1'"  1 
ATOM   165 N N9     . DA  A 1 7  ? -0.86098  -4.25974  3.24279   1.000 56.85599  ? 7   DA  B N9     1 
ATOM   166 C C8     . DA  A 1 7  ? 0.39905   -4.78895  3.17302   1.000 54.81553  ? 7   DA  B C8     1 
ATOM   167 N N7     . DA  A 1 7  ? 1.03435   -4.51285  2.04407   1.000 55.60666  ? 7   DA  B N7     1 
ATOM   168 C C5     . DA  A 1 7  ? 0.12512   -3.73142  1.35007   1.000 55.06042  ? 7   DA  B C5     1 
ATOM   169 C C6     . DA  A 1 7  ? 0.19266   -3.10578  0.11348   1.000 51.33023  ? 7   DA  B C6     1 
ATOM   170 N N6     . DA  A 1 7  ? 1.26371   -3.19651  -0.68416  1.000 64.13506  ? 7   DA  B N6     1 
ATOM   171 N N1     . DA  A 1 7  ? -0.89662  -2.40038  -0.30693  1.000 59.20292  ? 7   DA  B N1     1 
ATOM   172 C C2     . DA  A 1 7  ? -1.96192  -2.32151  0.50839   1.000 68.11386  ? 7   DA  B C2     1 
ATOM   173 N N3     . DA  A 1 7  ? -2.13342  -2.86973  1.72069   1.000 55.36325  ? 7   DA  B N3     1 
ATOM   174 C C4     . DA  A 1 7  ? -1.04478  -3.56405  2.07969   1.000 51.94043  ? 7   DA  B C4     1 
ATOM   175 P P      . DA  A 1 8  ? -4.71830  -6.64797  6.35494   1.000 61.18890  ? 8   DA  B P      1 
ATOM   176 O OP1    . DA  A 1 8  ? -5.86053  -6.53483  7.31836   1.000 50.43957  ? 8   DA  B OP1    1 
ATOM   177 O OP2    . DA  A 1 8  ? -3.90144  -7.87475  6.22501   1.000 57.62990  ? 8   DA  B OP2    1 
ATOM   178 O "O5'"  . DA  A 1 8  ? -5.30873  -6.25950  4.91918   1.000 60.09921  ? 8   DA  B "O5'"  1 
ATOM   179 C "C5'"  . DA  A 1 8  ? -5.93050  -4.99356  4.78817   1.000 53.37323  ? 8   DA  B "C5'"  1 
ATOM   180 C "C4'"  . DA  A 1 8  ? -6.32190  -4.73736  3.35349   1.000 57.96025  ? 8   DA  B "C4'"  1 
ATOM   181 O "O4'"  . DA  A 1 8  ? -5.13475  -4.65987  2.53790   1.000 58.68761  ? 8   DA  B "O4'"  1 
ATOM   182 C "C3'"  . DA  A 1 8  ? -7.22654  -5.80773  2.73209   1.000 62.12229  ? 8   DA  B "C3'"  1 
ATOM   183 O "O3'"  . DA  A 1 8  ? -8.44591  -5.18587  2.30392   1.000 61.46606  ? 8   DA  B "O3'"  1 
ATOM   184 C "C2'"  . DA  A 1 8  ? -6.39258  -6.37403  1.56210   1.000 63.59155  ? 8   DA  B "C2'"  1 
ATOM   185 C "C1'"  . DA  A 1 8  ? -5.39234  -5.24434  1.29661   1.000 64.54825  ? 8   DA  B "C1'"  1 
ATOM   186 N N9     . DA  A 1 8  ? -4.11641  -5.67797  0.73593   1.000 61.04488  ? 8   DA  B N9     1 
ATOM   187 C C8     . DA  A 1 8  ? -3.24444  -6.59611  1.26358   1.000 53.10116  ? 8   DA  B C8     1 
ATOM   188 N N7     . DA  A 1 8  ? -2.15900  -6.77452  0.53758   1.000 64.85706  ? 8   DA  B N7     1 
ATOM   189 C C5     . DA  A 1 8  ? -2.32875  -5.90332  -0.53912  1.000 60.39762  ? 8   DA  B C5     1 
ATOM   190 C C6     . DA  A 1 8  ? -1.53414  -5.62179  -1.66190  1.000 63.53164  ? 8   DA  B C6     1 
ATOM   191 N N6     . DA  A 1 8  ? -0.35629  -6.21100  -1.88429  1.000 57.09840  ? 8   DA  B N6     1 
ATOM   192 N N1     . DA  A 1 8  ? -1.99913  -4.70979  -2.55513  1.000 64.77549  ? 8   DA  B N1     1 
ATOM   193 C C2     . DA  A 1 8  ? -3.18174  -4.12433  -2.31565  1.000 65.94156  ? 8   DA  B C2     1 
ATOM   194 N N3     . DA  A 1 8  ? -4.02413  -4.32015  -1.29464  1.000 59.36122  ? 8   DA  B N3     1 
ATOM   195 C C4     . DA  A 1 8  ? -3.53119  -5.22572  -0.43632  1.000 59.56952  ? 8   DA  B C4     1 
ATOM   196 P P      . DA  A 1 9  ? -9.66672  -6.02149  1.67033   1.000 65.50507  ? 9   DA  B P      1 
ATOM   197 O OP1    . DA  A 1 9  ? -10.88727 -5.50995  2.34030   1.000 59.89499  ? 9   DA  B OP1    1 
ATOM   198 O OP2    . DA  A 1 9  ? -9.38450  -7.48031  1.63173   1.000 52.55841  ? 9   DA  B OP2    1 
ATOM   199 O "O5'"  . DA  A 1 9  ? -9.68209  -5.50055  0.16590   1.000 60.64083  ? 9   DA  B "O5'"  1 
ATOM   200 C "C5'"  . DA  A 1 9  ? -9.13752  -4.21729  -0.12382  1.000 60.81951  ? 9   DA  B "C5'"  1 
ATOM   201 C "C4'"  . DA  A 1 9  ? -9.02253  -4.00703  -1.62690  1.000 67.21371  ? 9   DA  B "C4'"  1 
ATOM   202 O "O4'"  . DA  A 1 9  ? -7.69657  -4.37135  -2.09421  1.000 60.06912  ? 9   DA  B "O4'"  1 
ATOM   203 C "C3'"  . DA  A 1 9  ? -10.00008 -4.80464  -2.46665  1.000 55.29121  ? 9   DA  B "C3'"  1 
ATOM   204 O "O3'"  . DA  A 1 9  ? -10.44410 -3.99185  -3.52444  1.000 72.74118  ? 9   DA  B "O3'"  1 
ATOM   205 C "C2'"  . DA  A 1 9  ? -9.15885  -5.97960  -2.96976  1.000 68.84496  ? 9   DA  B "C2'"  1 
ATOM   206 C "C1'"  . DA  A 1 9  ? -7.78699  -5.33556  -3.12388  1.000 60.84303  ? 9   DA  B "C1'"  1 
ATOM   207 N N9     . DA  A 1 9  ? -6.67653  -6.26936  -2.94623  1.000 54.54076  ? 9   DA  B N9     1 
ATOM   208 C C8     . DA  A 1 9  ? -6.56065  -7.24133  -1.98590  1.000 58.13059  ? 9   DA  B C8     1 
ATOM   209 N N7     . DA  A 1 9  ? -5.43426  -7.92538  -2.04802  1.000 62.04685  ? 9   DA  B N7     1 
ATOM   210 C C5     . DA  A 1 9  ? -4.74962  -7.33572  -3.10290  1.000 59.23179  ? 9   DA  B C5     1 
ATOM   211 C C6     . DA  A 1 9  ? -3.48059  -7.57730  -3.66554  1.000 58.52575  ? 9   DA  B C6     1 
ATOM   212 N N6     . DA  A 1 9  ? -2.65925  -8.53454  -3.23842  1.000 61.99592  ? 9   DA  B N6     1 
ATOM   213 N N1     . DA  A 1 9  ? -3.08779  -6.79302  -4.69977  1.000 66.27578  ? 9   DA  B N1     1 
ATOM   214 C C2     . DA  A 1 9  ? -3.91620  -5.82623  -5.12575  1.000 66.67585  ? 9   DA  B C2     1 
ATOM   215 N N3     . DA  A 1 9  ? -5.13080  -5.49726  -4.66937  1.000 62.05784  ? 9   DA  B N3     1 
ATOM   216 C C4     . DA  A 1 9  ? -5.49316  -6.29914  -3.65414  1.000 59.69863  ? 9   DA  B C4     1 
ATOM   217 P P      . DG  A 1 10 ? -11.73060 -4.41316  -4.38913  1.000 75.19185  ? 10  DG  B P      1 
ATOM   218 O OP1    . DG  A 1 10 ? -12.36006 -3.12990  -4.81793  1.000 62.84697  ? 10  DG  B OP1    1 
ATOM   219 O OP2    . DG  A 1 10 ? -12.48675 -5.48343  -3.67096  1.000 69.59179  ? 10  DG  B OP2    1 
ATOM   220 O "O5'"  . DG  A 1 10 ? -11.10060 -5.07224  -5.69457  1.000 70.69143  ? 10  DG  B "O5'"  1 
ATOM   221 C "C5'"  . DG  A 1 10 ? -10.38633 -4.25225  -6.62862  1.000 72.45356  ? 10  DG  B "C5'"  1 
ATOM   222 C "C4'"  . DG  A 1 10 ? -9.64078  -5.12707  -7.61586  1.000 71.86098  ? 10  DG  B "C4'"  1 
ATOM   223 O "O4'"  . DG  A 1 10 ? -8.57829  -5.85600  -6.90678  1.000 67.34863  ? 10  DG  B "O4'"  1 
ATOM   224 C "C3'"  . DG  A 1 10 ? -10.50333 -6.21883  -8.27041  1.000 75.98787  ? 10  DG  B "C3'"  1 
ATOM   225 O "O3'"  . DG  A 1 10 ? -10.14154 -6.41641  -9.63506  1.000 75.79583  ? 10  DG  B "O3'"  1 
ATOM   226 C "C2'"  . DG  A 1 10 ? -10.15868 -7.43417  -7.42444  1.000 74.74700  ? 10  DG  B "C2'"  1 
ATOM   227 C "C1'"  . DG  A 1 10 ? -8.67009  -7.20308  -7.29661  1.000 64.30431  ? 10  DG  B "C1'"  1 
ATOM   228 N N9     . DG  A 1 10 ? -7.94964  -8.08334  -6.36471  1.000 68.39360  ? 10  DG  B N9     1 
ATOM   229 C C8     . DG  A 1 10 ? -8.42154  -8.71978  -5.23151  1.000 62.63893  ? 10  DG  B C8     1 
ATOM   230 N N7     . DG  A 1 10 ? -7.50623  -9.45730  -4.63912  1.000 67.90903  ? 10  DG  B N7     1 
ATOM   231 C C5     . DG  A 1 10 ? -6.37566  -9.31229  -5.44432  1.000 60.19416  ? 10  DG  B C5     1 
ATOM   232 C C6     . DG  A 1 10 ? -5.06612  -9.87883  -5.33043  1.000 63.50277  ? 10  DG  B C6     1 
ATOM   233 O O6     . DG  A 1 10 ? -4.61499  -10.64447 -4.45512  1.000 60.27465  ? 10  DG  B O6     1 
ATOM   234 N N1     . DG  A 1 10 ? -4.23581  -9.45221  -6.36041  1.000 52.52579  ? 10  DG  B N1     1 
ATOM   235 C C2     . DG  A 1 10 ? -4.61773  -8.59932  -7.37923  1.000 59.61188  ? 10  DG  B C2     1 
ATOM   236 N N2     . DG  A 1 10 ? -3.68747  -8.31330  -8.30703  1.000 58.89297  ? 10  DG  B N2     1 
ATOM   237 N N3     . DG  A 1 10 ? -5.82002  -8.07737  -7.49598  1.000 59.31269  ? 10  DG  B N3     1 
ATOM   238 C C4     . DG  A 1 10 ? -6.64244  -8.47128  -6.50219  1.000 59.04441  ? 10  DG  B C4     1 
ATOM   239 H "H5'"  . DG  A 1 10 ? -9.75456  -3.69237  -6.15081  1.000 87.31253  ? 10  DG  B "H5'"  1 
ATOM   240 H "H5''" . DG  A 1 10 ? -11.01202 -3.68558  -7.10644  1.000 87.31253  ? 10  DG  B "H5''" 1 
ATOM   241 H "H4'"  . DG  A 1 10 ? -9.24337  -4.57067  -8.30388  1.000 86.60144  ? 10  DG  B "H4'"  1 
ATOM   242 H "H3'"  . DG  A 1 10 ? -11.44374 -5.98986  -8.20631  1.000 91.55370  ? 10  DG  B "H3'"  1 
ATOM   243 H "H2'"  . DG  A 1 10 ? -10.60763 -7.42290  -6.56466  1.000 90.06466  ? 10  DG  B "H2'"  1 
ATOM   244 H "H2''" . DG  A 1 10 ? -10.36387 -8.26725  -7.87695  1.000 90.06466  ? 10  DG  B "H2''" 1 
ATOM   245 H "H1'"  . DG  A 1 10 ? -8.23089  -7.33839  -8.15082  1.000 77.53344  ? 10  DG  B "H1'"  1 
ATOM   246 H H8     . DG  A 1 10 ? -9.29395  -8.63561  -4.92055  1.000 75.53497  ? 10  DG  B H8     1 
ATOM   247 H H1     . DG  A 1 10 ? -3.42534  -9.73982  -6.36412  1.000 63.39920  ? 10  DG  B H1     1 
ATOM   248 H H21    . DG  A 1 10 ? -2.89802  -8.64819  -8.24191  1.000 71.03982  ? 10  DG  B H21    1 
ATOM   249 H H22    . DG  A 1 10 ? -3.88192  -7.79547  -8.96555  1.000 71.03982  ? 10  DG  B H22    1 
ATOM   250 P P      . DC  A 1 11 ? -10.97851 -5.71861  -10.81186 1.000 85.93058  ? 11  DC  B P      1 
ATOM   251 O OP1    . DC  A 1 11 ? -11.31467 -4.37095  -10.30912 1.000 72.49358  ? 11  DC  B OP1    1 
ATOM   252 O OP2    . DC  A 1 11 ? -12.03783 -6.65530  -11.27954 1.000 70.47851  ? 11  DC  B OP2    1 
ATOM   253 O "O5'"  . DC  A 1 11 ? -9.89082  -5.54067  -11.96305 1.000 74.77538  ? 11  DC  B "O5'"  1 
ATOM   254 C "C5'"  . DC  A 1 11 ? -8.73896  -4.73822  -11.72147 1.000 77.99743  ? 11  DC  B "C5'"  1 
ATOM   255 C "C4'"  . DC  A 1 11 ? -7.54537  -5.25244  -12.50545 1.000 73.51364  ? 11  DC  B "C4'"  1 
ATOM   256 O "O4'"  . DC  A 1 11 ? -6.81814  -6.22495  -11.71108 1.000 67.48492  ? 11  DC  B "O4'"  1 
ATOM   257 C "C3'"  . DC  A 1 11 ? -7.86894  -5.99608  -13.79655 1.000 70.83358  ? 11  DC  B "C3'"  1 
ATOM   258 O "O3'"  . DC  A 1 11 ? -6.70737  -5.95719  -14.61254 1.000 79.11357  ? 11  DC  B "O3'"  1 
ATOM   259 C "C2'"  . DC  A 1 11 ? -8.08635  -7.40928  -13.27211 1.000 69.00048  ? 11  DC  B "C2'"  1 
ATOM   260 C "C1'"  . DC  A 1 11 ? -6.88141  -7.48983  -12.35004 1.000 67.41192  ? 11  DC  B "C1'"  1 
ATOM   261 N N1     . DC  A 1 11 ? -6.94346  -8.52483  -11.30162 1.000 64.27821  ? 11  DC  B N1     1 
ATOM   262 C C2     . DC  A 1 11 ? -5.77177  -9.20929  -10.94635 1.000 59.56591  ? 11  DC  B C2     1 
ATOM   263 O O2     . DC  A 1 11 ? -4.71345  -8.96959  -11.55843 1.000 66.84254  ? 11  DC  B O2     1 
ATOM   264 N N3     . DC  A 1 11 ? -5.83175  -10.13645 -9.97405  1.000 52.81336  ? 11  DC  B N3     1 
ATOM   265 C C4     . DC  A 1 11 ? -6.97226  -10.36488 -9.34051  1.000 54.90625  ? 11  DC  B C4     1 
ATOM   266 N N4     . DC  A 1 11 ? -6.96384  -11.27053 -8.36984  1.000 52.69308  ? 11  DC  B N4     1 
ATOM   267 C C5     . DC  A 1 11 ? -8.17446  -9.67418  -9.67185  1.000 60.83212  ? 11  DC  B C5     1 
ATOM   268 C C6     . DC  A 1 11 ? -8.11344  -8.76300  -10.64518 1.000 69.35390  ? 11  DC  B C6     1 
ATOM   269 P P      . DG  A 1 12 ? -6.80491  -5.75477  -16.20453 1.000 88.02765  ? 12  DG  B P      1 
ATOM   270 O OP1    . DG  A 1 12 ? -6.13211  -4.46512  -16.50283 1.000 66.96182  ? 12  DG  B OP1    1 
ATOM   271 O OP2    . DG  A 1 12 ? -8.22002  -6.03349  -16.59908 1.000 78.68088  ? 12  DG  B OP2    1 
ATOM   272 O "O5'"  . DG  A 1 12 ? -5.91681  -6.95636  -16.81025 1.000 71.95535  ? 12  DG  B "O5'"  1 
ATOM   273 C "C5'"  . DG  A 1 12 ? -4.55140  -7.10640  -16.43413 1.000 70.13153  ? 12  DG  B "C5'"  1 
ATOM   274 C "C4'"  . DG  A 1 12 ? -4.11641  -8.54413  -16.62973 1.000 68.17495  ? 12  DG  B "C4'"  1 
ATOM   275 O "O4'"  . DG  A 1 12 ? -4.52077  -9.32616  -15.49176 1.000 58.36866  ? 12  DG  B "O4'"  1 
ATOM   276 C "C3'"  . DG  A 1 12 ? -4.70472  -9.23065  -17.86020 1.000 65.68127  ? 12  DG  B "C3'"  1 
ATOM   277 O "O3'"  . DG  A 1 12 ? -3.63542  -9.72566  -18.65963 1.000 64.40690  ? 12  DG  B "O3'"  1 
ATOM   278 C "C2'"  . DG  A 1 12 ? -5.58344  -10.36871 -17.28656 1.000 63.99146  ? 12  DG  B "C2'"  1 
ATOM   279 C "C1'"  . DG  A 1 12 ? -4.96986  -10.58991 -15.90359 1.000 68.14618  ? 12  DG  B "C1'"  1 
ATOM   280 N N9     . DG  A 1 12 ? -5.91406  -11.07308 -14.87609 1.000 64.65170  ? 12  DG  B N9     1 
ATOM   281 C C8     . DG  A 1 12 ? -7.21492  -10.66739 -14.69757 1.000 64.89015  ? 12  DG  B C8     1 
ATOM   282 N N7     . DG  A 1 12 ? -7.80805  -11.24172 -13.67615 1.000 63.98832  ? 12  DG  B N7     1 
ATOM   283 C C5     . DG  A 1 12 ? -6.83074  -12.07359 -13.13202 1.000 61.32797  ? 12  DG  B C5     1 
ATOM   284 C C6     . DG  A 1 12 ? -6.89082  -12.94734 -12.01268 1.000 64.02847  ? 12  DG  B C6     1 
ATOM   285 O O6     . DG  A 1 12 ? -7.85031  -13.15762 -11.25449 1.000 61.95242  ? 12  DG  B O6     1 
ATOM   286 N N1     . DG  A 1 12 ? -5.67582  -13.60585 -11.79763 1.000 57.74240  ? 12  DG  B N1     1 
ATOM   287 C C2     . DG  A 1 12 ? -4.55622  -13.44136 -12.56770 1.000 50.32724  ? 12  DG  B C2     1 
ATOM   288 N N2     . DG  A 1 12 ? -3.49145  -14.15290 -12.21421 1.000 47.32558  ? 12  DG  B N2     1 
ATOM   289 N N3     . DG  A 1 12 ? -4.48517  -12.62224 -13.61198 1.000 53.33353  ? 12  DG  B N3     1 
ATOM   290 C C4     . DG  A 1 12 ? -5.65295  -11.97145 -13.83869 1.000 54.47225  ? 12  DG  B C4     1 
ATOM   291 O "O5'"  . DC  B 2 1  ? -4.33758  -20.64522 -5.95402  1.000 69.05498  ? 13  DC  C "O5'"  1 
ATOM   292 C "C5'"  . DC  B 2 1  ? -3.87703  -21.30304 -7.14005  1.000 80.68009  ? 13  DC  C "C5'"  1 
ATOM   293 C "C4'"  . DC  B 2 1  ? -2.83718  -20.44786 -7.82342  1.000 69.94388  ? 13  DC  C "C4'"  1 
ATOM   294 O "O4'"  . DC  B 2 1  ? -3.50420  -19.39059 -8.57222  1.000 64.24622  ? 13  DC  C "O4'"  1 
ATOM   295 C "C3'"  . DC  B 2 1  ? -1.89213  -19.71923 -6.86684  1.000 70.76278  ? 13  DC  C "C3'"  1 
ATOM   296 O "O3'"  . DC  B 2 1  ? -0.66064  -19.52685 -7.51650  1.000 75.18554  ? 13  DC  C "O3'"  1 
ATOM   297 C "C2'"  . DC  B 2 1  ? -2.61248  -18.38611 -6.65405  1.000 61.11228  ? 13  DC  C "C2'"  1 
ATOM   298 C "C1'"  . DC  B 2 1  ? -3.05110  -18.13476 -8.08898  1.000 65.23223  ? 13  DC  C "C1'"  1 
ATOM   299 N N1     . DC  B 2 1  ? -4.13425  -17.19715 -8.25147  1.000 64.19706  ? 13  DC  C N1     1 
ATOM   300 C C2     . DC  B 2 1  ? -4.11893  -16.34163 -9.35266  1.000 62.07312  ? 13  DC  C C2     1 
ATOM   301 O O2     . DC  B 2 1  ? -3.15469  -16.37627 -10.12894 1.000 62.91968  ? 13  DC  C O2     1 
ATOM   302 N N3     . DC  B 2 1  ? -5.15035  -15.50008 -9.53733  1.000 59.90558  ? 13  DC  C N3     1 
ATOM   303 C C4     . DC  B 2 1  ? -6.16529  -15.49215 -8.67082  1.000 63.65005  ? 13  DC  C C4     1 
ATOM   304 N N4     . DC  B 2 1  ? -7.15675  -14.62511 -8.88482  1.000 64.21141  ? 13  DC  C N4     1 
ATOM   305 C C5     . DC  B 2 1  ? -6.20608  -16.36884 -7.54557  1.000 64.81011  ? 13  DC  C C5     1 
ATOM   306 C C6     . DC  B 2 1  ? -5.18114  -17.20473 -7.38113  1.000 65.11314  ? 13  DC  C C6     1 
ATOM   307 P P      . DG  B 2 2  ? 0.65679   -19.17665 -6.67115  1.000 88.79655  ? 14  DG  C P      1 
ATOM   308 O OP1    . DG  B 2 2  ? 1.53945   -20.35297 -6.87124  1.000 83.70303  ? 14  DG  C OP1    1 
ATOM   309 O OP2    . DG  B 2 2  ? 0.27812   -18.65030 -5.33056  1.000 76.35458  ? 14  DG  C OP2    1 
ATOM   310 O "O5'"  . DG  B 2 2  ? 1.27732   -17.92408 -7.43537  1.000 76.86078  ? 14  DG  C "O5'"  1 
ATOM   311 C "C5'"  . DG  B 2 2  ? 1.43702   -17.97464 -8.82999  1.000 75.37039  ? 14  DG  C "C5'"  1 
ATOM   312 C "C4'"  . DG  B 2 2  ? 1.69791   -16.59400 -9.35786  1.000 70.39388  ? 14  DG  C "C4'"  1 
ATOM   313 O "O4'"  . DG  B 2 2  ? 0.44623   -15.87528 -9.43471  1.000 67.81922  ? 14  DG  C "O4'"  1 
ATOM   314 C "C3'"  . DG  B 2 2  ? 2.63723   -15.76280 -8.48651  1.000 60.02588  ? 14  DG  C "C3'"  1 
ATOM   315 O "O3'"  . DG  B 2 2  ? 3.63578   -15.17663 -9.29528  1.000 67.89685  ? 14  DG  C "O3'"  1 
ATOM   316 C "C2'"  . DG  B 2 2  ? 1.72639   -14.71002 -7.84019  1.000 53.40982  ? 14  DG  C "C2'"  1 
ATOM   317 C "C1'"  . DG  B 2 2  ? 0.58431   -14.60093 -8.84522  1.000 63.07337  ? 14  DG  C "C1'"  1 
ATOM   318 N N9     . DG  B 2 2  ? -0.69653  -14.25863 -8.23621  1.000 58.76862  ? 14  DG  C N9     1 
ATOM   319 C C8     . DG  B 2 2  ? -1.21014  -14.76666 -7.07107  1.000 62.49912  ? 14  DG  C C8     1 
ATOM   320 N N7     . DG  B 2 2  ? -2.38804  -14.29975 -6.77412  1.000 64.63333  ? 14  DG  C N7     1 
ATOM   321 C C5     . DG  B 2 2  ? -2.68168  -13.42860 -7.80256  1.000 55.47963  ? 14  DG  C C5     1 
ATOM   322 C C6     . DG  B 2 2  ? -3.82309  -12.63880 -8.00657  1.000 59.71751  ? 14  DG  C C6     1 
ATOM   323 O O6     . DG  B 2 2  ? -4.83523  -12.56140 -7.29430  1.000 54.90529  ? 14  DG  C O6     1 
ATOM   324 N N1     . DG  B 2 2  ? -3.72640  -11.88723 -9.17902  1.000 54.72767  ? 14  DG  C N1     1 
ATOM   325 C C2     . DG  B 2 2  ? -2.66892  -11.92405 -10.05469 1.000 61.71560  ? 14  DG  C C2     1 
ATOM   326 N N2     . DG  B 2 2  ? -2.77718  -11.14267 -11.14123 1.000 56.98100  ? 14  DG  C N2     1 
ATOM   327 N N3     . DG  B 2 2  ? -1.57906  -12.66792 -9.87418  1.000 53.85749  ? 14  DG  C N3     1 
ATOM   328 C C4     . DG  B 2 2  ? -1.65739  -13.39243 -8.72615  1.000 58.02212  ? 14  DG  C C4     1 
ATOM   329 P P      . DC  B 2 3  ? 4.73811   -14.21241 -8.63507  1.000 64.06751  ? 15  DC  C P      1 
ATOM   330 O OP1    . DC  B 2 3  ? 5.96755   -14.38869 -9.43592  1.000 65.77396  ? 15  DC  C OP1    1 
ATOM   331 O OP2    . DC  B 2 3  ? 4.69749   -14.36773 -7.16021  1.000 71.45482  ? 15  DC  C OP2    1 
ATOM   332 O "O5'"  . DC  B 2 3  ? 4.17398   -12.76636 -8.93587  1.000 55.68098  ? 15  DC  C "O5'"  1 
ATOM   333 C "C5'"  . DC  B 2 3  ? 3.98886   -12.37398 -10.28299 1.000 62.88586  ? 15  DC  C "C5'"  1 
ATOM   334 C "C4'"  . DC  B 2 3  ? 3.04389   -11.19862 -10.37993 1.000 61.65181  ? 15  DC  C "C4'"  1 
ATOM   335 O "O4'"  . DC  B 2 3  ? 1.79368   -11.53401 -9.74993  1.000 51.01417  ? 15  DC  C "O4'"  1 
ATOM   336 C "C3'"  . DC  B 2 3  ? 3.51544   -9.94370  -9.66586  1.000 54.78547  ? 15  DC  C "C3'"  1 
ATOM   337 O "O3'"  . DC  B 2 3  ? 4.33064   -9.16326  -10.52008 1.000 51.92532  ? 15  DC  C "O3'"  1 
ATOM   338 C "C2'"  . DC  B 2 3  ? 2.21088   -9.23241  -9.29715  1.000 54.16290  ? 15  DC  C "C2'"  1 
ATOM   339 C "C1'"  . DC  B 2 3  ? 1.14072   -10.34158 -9.36138  1.000 59.88782  ? 15  DC  C "C1'"  1 
ATOM   340 N N1     . DC  B 2 3  ? 0.44175   -10.58839 -8.06270  1.000 58.25704  ? 15  DC  C N1     1 
ATOM   341 C C2     . DC  B 2 3  ? -0.80100  -9.98596  -7.80898  1.000 56.21168  ? 15  DC  C C2     1 
ATOM   342 O O2     . DC  B 2 3  ? -1.29758  -9.25863  -8.66485  1.000 61.77100  ? 15  DC  C O2     1 
ATOM   343 N N3     . DC  B 2 3  ? -1.43066  -10.23423 -6.63092  1.000 53.05666  ? 15  DC  C N3     1 
ATOM   344 C C4     . DC  B 2 3  ? -0.85383  -11.03935 -5.73228  1.000 58.76714  ? 15  DC  C C4     1 
ATOM   345 N N4     . DC  B 2 3  ? -1.49144  -11.25020 -4.58120  1.000 62.30835  ? 15  DC  C N4     1 
ATOM   346 C C5     . DC  B 2 3  ? 0.40979   -11.66137 -5.97383  1.000 60.56666  ? 15  DC  C C5     1 
ATOM   347 C C6     . DC  B 2 3  ? 1.01380   -11.41114 -7.14508  1.000 55.01503  ? 15  DC  C C6     1 
ATOM   348 H "H5'"  . DC  B 2 3  ? 3.62357   -13.11925 -10.78502 1.000 75.83130  ? 15  DC  C "H5'"  1 
ATOM   349 H "H5''" . DC  B 2 3  ? 4.84595   -12.12649 -10.66383 1.000 75.83130  ? 15  DC  C "H5''" 1 
ATOM   350 H "H4'"  . DC  B 2 3  ? 2.88689   -10.99878 -11.31604 1.000 74.35044  ? 15  DC  C "H4'"  1 
ATOM   351 H "H3'"  . DC  B 2 3  ? 3.99993   -10.18093 -8.85969  1.000 66.11083  ? 15  DC  C "H3'"  1 
ATOM   352 H "H2'"  . DC  B 2 3  ? 2.26354   -8.85417  -8.40548  1.000 65.36374  ? 15  DC  C "H2'"  1 
ATOM   353 H "H2''" . DC  B 2 3  ? 2.01282   -8.52402  -9.92949  1.000 65.36374  ? 15  DC  C "H2''" 1 
ATOM   354 H "H1'"  . DC  B 2 3  ? 0.48902   -10.10273 -10.03897 1.000 72.23365  ? 15  DC  C "H1'"  1 
ATOM   355 H H41    . DC  B 2 3  ? -1.14402  -11.76336 -3.98493  1.000 75.13827  ? 15  DC  C H41    1 
ATOM   356 H H42    . DC  B 2 3  ? -2.25033  -10.87309 -4.43466  1.000 75.13827  ? 15  DC  C H42    1 
ATOM   357 H H5     . DC  B 2 3  ? 0.79981   -12.22022 -5.34101  1.000 73.04825  ? 15  DC  C H5     1 
ATOM   358 H H6     . DC  B 2 3  ? 1.83493   -11.80599 -7.33153  1.000 66.38629  ? 15  DC  C H6     1 
ATOM   359 P P      . DT  B 2 4  ? 5.01869   -7.82521  -9.96923  1.000 58.86206  ? 16  DT  C P      1 
ATOM   360 O OP1    . DT  B 2 4  ? 6.11907   -7.51446  -10.91117 1.000 64.44497  ? 16  DT  C OP1    1 
ATOM   361 O OP2    . DT  B 2 4  ? 5.25284   -7.99647  -8.50763  1.000 65.90160  ? 16  DT  C OP2    1 
ATOM   362 O "O5'"  . DT  B 2 4  ? 3.89455   -6.70330  -10.15095 1.000 49.48331  ? 16  DT  C "O5'"  1 
ATOM   363 C "C5'"  . DT  B 2 4  ? 3.38882   -6.46845  -11.43554 1.000 56.06734  ? 16  DT  C "C5'"  1 
ATOM   364 C "C4'"  . DT  B 2 4  ? 2.39072   -5.34307  -11.42712 1.000 64.11938  ? 16  DT  C "C4'"  1 
ATOM   365 O "O4'"  . DT  B 2 4  ? 1.29098   -5.65835  -10.52292 1.000 64.17641  ? 16  DT  C "O4'"  1 
ATOM   366 C "C3'"  . DT  B 2 4  ? 2.92590   -3.99507  -10.96613 1.000 61.72495  ? 16  DT  C "C3'"  1 
ATOM   367 O "O3'"  . DT  B 2 4  ? 2.14460   -3.00171  -11.60542 1.000 62.33231  ? 16  DT  C "O3'"  1 
ATOM   368 C "C2'"  . DT  B 2 4  ? 2.67464   -4.05685  -9.44457  1.000 58.99813  ? 16  DT  C "C2'"  1 
ATOM   369 C "C1'"  . DT  B 2 4  ? 1.32859   -4.80108  -9.38944  1.000 60.26452  ? 16  DT  C "C1'"  1 
ATOM   370 N N1     . DT  B 2 4  ? 1.09560   -5.65360  -8.12683  1.000 62.34191  ? 16  DT  C N1     1 
ATOM   371 C C2     . DT  B 2 4  ? -0.18471  -5.78012  -7.63949  1.000 56.28341  ? 16  DT  C C2     1 
ATOM   372 O O2     . DT  B 2 4  ? -1.13757  -5.23707  -8.15085  1.000 60.22107  ? 16  DT  C O2     1 
ATOM   373 N N3     . DT  B 2 4  ? -0.31026  -6.55389  -6.51219  1.000 52.10781  ? 16  DT  C N3     1 
ATOM   374 C C4     . DT  B 2 4  ? 0.69841   -7.22485  -5.85638  1.000 52.81718  ? 16  DT  C C4     1 
ATOM   375 O O4     . DT  B 2 4  ? 0.49087   -7.90506  -4.86413  1.000 63.57208  ? 16  DT  C O4     1 
ATOM   376 C C5     . DT  B 2 4  ? 2.02437   -7.06499  -6.41636  1.000 56.27587  ? 16  DT  C C5     1 
ATOM   377 C C7     . DT  B 2 4  ? 3.20578   -7.74916  -5.76495  1.000 53.82209  ? 16  DT  C C7     1 
ATOM   378 C C6     . DT  B 2 4  ? 2.15842   -6.29612  -7.51103  1.000 55.99208  ? 16  DT  C C6     1 
ATOM   379 P P      . DT  B 2 5  ? 2.16115   -1.47538  -11.11491 1.000 70.29956  ? 17  DT  C P      1 
ATOM   380 O OP1    . DT  B 2 5  ? 1.99930   -0.69776  -12.38257 1.000 64.28577  ? 17  DT  C OP1    1 
ATOM   381 O OP2    . DT  B 2 5  ? 3.22577   -1.27505  -10.09928 1.000 73.23393  ? 17  DT  C OP2    1 
ATOM   382 O "O5'"  . DT  B 2 5  ? 0.76827   -1.31652  -10.41012 1.000 59.36776  ? 17  DT  C "O5'"  1 
ATOM   383 C "C5'"  . DT  B 2 5  ? -0.36307  -1.66765  -11.15642 1.000 61.27364  ? 17  DT  C "C5'"  1 
ATOM   384 C "C4'"  . DT  B 2 5  ? -1.56890  -1.42470  -10.32868 1.000 67.37686  ? 17  DT  C "C4'"  1 
ATOM   385 O "O4'"  . DT  B 2 5  ? -1.50176  -2.27672  -9.15570  1.000 67.43096  ? 17  DT  C "O4'"  1 
ATOM   386 C "C3'"  . DT  B 2 5  ? -1.68818  0.00750   -9.81299  1.000 60.10789  ? 17  DT  C "C3'"  1 
ATOM   387 O "O3'"  . DT  B 2 5  ? -3.07062  0.41547   -9.95614  1.000 64.46876  ? 17  DT  C "O3'"  1 
ATOM   388 C "C2'"  . DT  B 2 5  ? -1.22504  -0.11043  -8.33733  1.000 59.31595  ? 17  DT  C "C2'"  1 
ATOM   389 C "C1'"  . DT  B 2 5  ? -1.72685  -1.50673  -7.99068  1.000 61.32006  ? 17  DT  C "C1'"  1 
ATOM   390 N N1     . DT  B 2 5  ? -1.04427  -2.22334  -6.83045  1.000 57.75883  ? 17  DT  C N1     1 
ATOM   391 C C2     . DT  B 2 5  ? -1.83607  -2.75405  -5.82429  1.000 58.56483  ? 17  DT  C C2     1 
ATOM   392 O O2     . DT  B 2 5  ? -3.05319  -2.61465  -5.77877  1.000 61.50656  ? 17  DT  C O2     1 
ATOM   393 N N3     . DT  B 2 5  ? -1.15750  -3.42394  -4.84486  1.000 53.14200  ? 17  DT  C N3     1 
ATOM   394 C C4     . DT  B 2 5  ? 0.18680   -3.65958  -4.77876  1.000 57.93885  ? 17  DT  C C4     1 
ATOM   395 O O4     . DT  B 2 5  ? 0.68550   -4.30126  -3.85606  1.000 61.47409  ? 17  DT  C O4     1 
ATOM   396 C C5     . DT  B 2 5  ? 0.97380   -3.11230  -5.87728  1.000 60.37374  ? 17  DT  C C5     1 
ATOM   397 C C7     . DT  B 2 5  ? 2.47375   -3.30536  -5.90062  1.000 58.08751  ? 17  DT  C C7     1 
ATOM   398 C C6     . DT  B 2 5  ? 0.32407   -2.43245  -6.84561  1.000 46.63859  ? 17  DT  C C6     1 
ATOM   399 P P      . DT  B 2 6  ? -3.57119  1.90103   -9.57609  1.000 74.41284  ? 18  DT  C P      1 
ATOM   400 O OP1    . DT  B 2 6  ? -4.84445  2.08482   -10.32333 1.000 65.77107  ? 18  DT  C OP1    1 
ATOM   401 O OP2    . DT  B 2 6  ? -2.40285  2.82032   -9.66383  1.000 57.05639  ? 18  DT  C OP2    1 
ATOM   402 O "O5'"  . DT  B 2 6  ? -4.04670  1.74870   -8.05536  1.000 63.81265  ? 18  DT  C "O5'"  1 
ATOM   403 C "C5'"  . DT  B 2 6  ? -4.92582  0.67383   -7.75930  1.000 58.17947  ? 18  DT  C "C5'"  1 
ATOM   404 C "C4'"  . DT  B 2 6  ? -5.50920  0.79686   -6.37306  1.000 62.34745  ? 18  DT  C "C4'"  1 
ATOM   405 O "O4'"  . DT  B 2 6  ? -4.70611  0.04051   -5.42644  1.000 56.71501  ? 18  DT  C "O4'"  1 
ATOM   406 C "C3'"  . DT  B 2 6  ? -5.61427  2.21328   -5.84345  1.000 55.09258  ? 18  DT  C "C3'"  1 
ATOM   407 O "O3'"  . DT  B 2 6  ? -6.93030  2.37560   -5.30570  1.000 60.75519  ? 18  DT  C "O3'"  1 
ATOM   408 C "C2'"  . DT  B 2 6  ? -4.48318  2.29478   -4.77819  1.000 59.62387  ? 18  DT  C "C2'"  1 
ATOM   409 C "C1'"  . DT  B 2 6  ? -4.35176  0.83974   -4.33274  1.000 56.02242  ? 18  DT  C "C1'"  1 
ATOM   410 N N1     . DT  B 2 6  ? -3.00735  0.38339   -3.88681  1.000 54.17615  ? 18  DT  C N1     1 
ATOM   411 C C2     . DT  B 2 6  ? -2.94092  -0.38471  -2.75462  1.000 55.32356  ? 18  DT  C C2     1 
ATOM   412 O O2     . DT  B 2 6  ? -3.91744  -0.65964  -2.08668  1.000 60.33940  ? 18  DT  C O2     1 
ATOM   413 N N3     . DT  B 2 6  ? -1.69156  -0.81281  -2.41119  1.000 59.98051  ? 18  DT  C N3     1 
ATOM   414 C C4     . DT  B 2 6  ? -0.52834  -0.58330  -3.08331  1.000 54.59598  ? 18  DT  C C4     1 
ATOM   415 O O4     . DT  B 2 6  ? 0.53699   -1.04719  -2.69063  1.000 50.52694  ? 18  DT  C O4     1 
ATOM   416 C C5     . DT  B 2 6  ? -0.66376  0.22294   -4.29852  1.000 52.29816  ? 18  DT  C C5     1 
ATOM   417 C C7     . DT  B 2 6  ? 0.53834   0.55644   -5.13737  1.000 53.75291  ? 18  DT  C C7     1 
ATOM   418 C C6     . DT  B 2 6  ? -1.88866  0.65162   -4.63518  1.000 54.80955  ? 18  DT  C C6     1 
ATOM   419 P P      . DT  B 2 7  ? -7.36069  3.71550   -4.52363  1.000 74.38922  ? 19  DT  C P      1 
ATOM   420 O OP1    . DT  B 2 7  ? -8.81309  3.82322   -4.78637  1.000 83.45927  ? 19  DT  C OP1    1 
ATOM   421 O OP2    . DT  B 2 7  ? -6.42392  4.82086   -4.85127  1.000 77.52393  ? 19  DT  C OP2    1 
ATOM   422 O "O5'"  . DT  B 2 7  ? -7.16732  3.32725   -2.98799  1.000 64.09769  ? 19  DT  C "O5'"  1 
ATOM   423 C "C5'"  . DT  B 2 7  ? -7.76046  2.12538   -2.50462  1.000 66.76350  ? 19  DT  C "C5'"  1 
ATOM   424 C "C4'"  . DT  B 2 7  ? -7.17874  1.70882   -1.16426  1.000 72.92882  ? 19  DT  C "C4'"  1 
ATOM   425 O "O4'"  . DT  B 2 7  ? -5.75456  1.41768   -1.29200  1.000 65.27175  ? 19  DT  C "O4'"  1 
ATOM   426 C "C3'"  . DT  B 2 7  ? -7.29427  2.76365   -0.04856  1.000 66.32823  ? 19  DT  C "C3'"  1 
ATOM   427 O "O3'"  . DT  B 2 7  ? -8.11519  2.25607   0.98991   1.000 59.19879  ? 19  DT  C "O3'"  1 
ATOM   428 C "C2'"  . DT  B 2 7  ? -5.83992  3.00858   0.40688   1.000 64.15464  ? 19  DT  C "C2'"  1 
ATOM   429 C "C1'"  . DT  B 2 7  ? -5.13041  1.74718   -0.06334  1.000 63.75869  ? 19  DT  C "C1'"  1 
ATOM   430 N N1     . DT  B 2 7  ? -3.62276  1.86275   -0.28123  1.000 60.42991  ? 19  DT  C N1     1 
ATOM   431 C C2     . DT  B 2 7  ? -2.77763  1.18166   0.56799   1.000 59.60562  ? 19  DT  C C2     1 
ATOM   432 O O2     . DT  B 2 7  ? -3.16640  0.52289   1.51270   1.000 62.03963  ? 19  DT  C O2     1 
ATOM   433 N N3     . DT  B 2 7  ? -1.45418  1.29030   0.27818   1.000 56.04257  ? 19  DT  C N3     1 
ATOM   434 C C4     . DT  B 2 7  ? -0.88420  1.98120   -0.75045  1.000 51.58530  ? 19  DT  C C4     1 
ATOM   435 O O4     . DT  B 2 7  ? 0.33256   2.00775   -0.90379  1.000 60.88863  ? 19  DT  C O4     1 
ATOM   436 C C5     . DT  B 2 7  ? -1.81182  2.67869   -1.62728  1.000 62.88976  ? 19  DT  C C5     1 
ATOM   437 C C7     . DT  B 2 7  ? -1.29517  3.48249   -2.81044  1.000 57.65798  ? 19  DT  C C7     1 
ATOM   438 C C6     . DT  B 2 7  ? -3.12909  2.58042   -1.35420  1.000 51.77538  ? 19  DT  C C6     1 
ATOM   439 H "H5'"  . DT  B 2 7  ? -7.60812  1.41658   -3.14905  1.000 80.48446  ? 19  DT  C "H5'"  1 
ATOM   440 H "H5''" . DT  B 2 7  ? -8.71564  2.26219   -2.40556  1.000 80.48446  ? 19  DT  C "H5''" 1 
ATOM   441 H "H4'"  . DT  B 2 7  ? -7.62334  0.89570   -0.87779  1.000 87.88284  ? 19  DT  C "H4'"  1 
ATOM   442 H "H3'"  . DT  B 2 7  ? -7.64770  3.59425   -0.40365  1.000 79.96213  ? 19  DT  C "H3'"  1 
ATOM   443 H "H2'"  . DT  B 2 7  ? -5.46755  3.79980   -0.01289  1.000 77.35383  ? 19  DT  C "H2'"  1 
ATOM   444 H "H2''" . DT  B 2 7  ? -5.78392  3.10620   1.37033   1.000 77.35383  ? 19  DT  C "H2''" 1 
ATOM   445 H "H1'"  . DT  B 2 7  ? -5.26387  1.04646   0.59400   1.000 76.87869  ? 19  DT  C "H1'"  1 
ATOM   446 H H3     . DT  B 2 7  ? -0.91417  0.87582   0.80373   1.000 67.61934  ? 19  DT  C H3     1 
ATOM   447 H H71    . DT  B 2 7  ? -1.93272  3.41790   -3.53863  1.000 69.55784  ? 19  DT  C H71    1 
ATOM   448 H H72    . DT  B 2 7  ? -1.19231  4.40893   -2.54205  1.000 69.55784  ? 19  DT  C H72    1 
ATOM   449 H H73    . DT  B 2 7  ? -0.43866  3.12138   -3.08769  1.000 69.55784  ? 19  DT  C H73    1 
ATOM   450 H H6     . DT  B 2 7  ? -3.73215  3.01509   -1.91302  1.000 62.49871  ? 19  DT  C H6     1 
ATOM   451 P P      . DT  B 2 8  ? -8.46366  3.14364   2.27894   1.000 71.72638  ? 20  DT  C P      1 
ATOM   452 O OP1    . DT  B 2 8  ? -9.74567  2.61354   2.80982   1.000 77.26508  ? 20  DT  C OP1    1 
ATOM   453 O OP2    . DT  B 2 8  ? -8.32239  4.56707   1.89997   1.000 67.73367  ? 20  DT  C OP2    1 
ATOM   454 O "O5'"  . DT  B 2 8  ? -7.35363  2.69823   3.35212   1.000 53.64503  ? 20  DT  C "O5'"  1 
ATOM   455 C "C5'"  . DT  B 2 8  ? -7.17203  1.31416   3.56372   1.000 63.61518  ? 20  DT  C "C5'"  1 
ATOM   456 C "C4'"  . DT  B 2 8  ? -6.14530  1.05021   4.62695   1.000 55.65806  ? 20  DT  C "C4'"  1 
ATOM   457 O "O4'"  . DT  B 2 8  ? -4.82137  1.21161   4.08116   1.000 50.46732  ? 20  DT  C "O4'"  1 
ATOM   458 C "C3'"  . DT  B 2 8  ? -6.23754  1.95415   5.84489   1.000 57.42595  ? 20  DT  C "C3'"  1 
ATOM   459 O "O3'"  . DT  B 2 8  ? -6.12578  1.11786   7.00841   1.000 50.75070  ? 20  DT  C "O3'"  1 
ATOM   460 C "C2'"  . DT  B 2 8  ? -5.03593  2.93384   5.66913   1.000 55.83648  ? 20  DT  C "C2'"  1 
ATOM   461 C "C1'"  . DT  B 2 8  ? -4.03828  2.04628   4.91530   1.000 63.40592  ? 20  DT  C "C1'"  1 
ATOM   462 N N1     . DT  B 2 8  ? -3.00498  2.74529   4.00725   1.000 60.46698  ? 20  DT  C N1     1 
ATOM   463 C C2     . DT  B 2 8  ? -1.64780  2.48183   4.18385   1.000 58.85925  ? 20  DT  C C2     1 
ATOM   464 O O2     . DT  B 2 8  ? -1.20489  1.76864   5.06528   1.000 60.49987  ? 20  DT  C O2     1 
ATOM   465 N N3     . DT  B 2 8  ? -0.81753  3.09884   3.28970   1.000 61.84636  ? 20  DT  C N3     1 
ATOM   466 C C4     . DT  B 2 8  ? -1.17379  3.91431   2.24480   1.000 56.29861  ? 20  DT  C C4     1 
ATOM   467 O O4     . DT  B 2 8  ? -0.33962  4.41490   1.50050   1.000 55.20317  ? 20  DT  C O4     1 
ATOM   468 C C5     . DT  B 2 8  ? -2.59758  4.14557   2.09375   1.000 62.38130  ? 20  DT  C C5     1 
ATOM   469 C C7     . DT  B 2 8  ? -3.10049  5.03374   0.98818   1.000 63.15414  ? 20  DT  C C7     1 
ATOM   470 C C6     . DT  B 2 8  ? -3.43872  3.54827   2.96647   1.000 59.04841  ? 20  DT  C C6     1 
ATOM   471 P P      . DT  B 2 9  ? -6.20516  1.76539   8.47840   1.000 73.63969  ? 21  DT  C P      1 
ATOM   472 O OP1    . DT  B 2 9  ? -6.81237  0.75684   9.38808   1.000 64.11630  ? 21  DT  C OP1    1 
ATOM   473 O OP2    . DT  B 2 9  ? -6.81242  3.10045   8.27862   1.000 53.09477  ? 21  DT  C OP2    1 
ATOM   474 O "O5'"  . DT  B 2 9  ? -4.67099  1.98091   8.88236   1.000 57.39434  ? 21  DT  C "O5'"  1 
ATOM   475 C "C5'"  . DT  B 2 9  ? -3.76567  0.89731   8.72433   1.000 62.95855  ? 21  DT  C "C5'"  1 
ATOM   476 C "C4'"  . DT  B 2 9  ? -2.33372  1.28358   9.08462   1.000 63.89121  ? 21  DT  C "C4'"  1 
ATOM   477 O "O4'"  . DT  B 2 9  ? -1.64944  1.93729   7.96981   1.000 53.26977  ? 21  DT  C "O4'"  1 
ATOM   478 C "C3'"  . DT  B 2 9  ? -2.16506  2.22406   10.27250  1.000 60.80704  ? 21  DT  C "C3'"  1 
ATOM   479 O "O3'"  . DT  B 2 9  ? -1.06232  1.77774   10.98588  1.000 70.75626  ? 21  DT  C "O3'"  1 
ATOM   480 C "C2'"  . DT  B 2 9  ? -1.86073  3.56776   9.59963   1.000 63.96261  ? 21  DT  C "C2'"  1 
ATOM   481 C "C1'"  . DT  B 2 9  ? -0.96749  3.07072   8.47736   1.000 69.29288  ? 21  DT  C "C1'"  1 
ATOM   482 N N1     . DT  B 2 9  ? -0.75956  4.02162   7.36803   1.000 56.11723  ? 21  DT  C N1     1 
ATOM   483 C C2     . DT  B 2 9  ? 0.49719   4.10709   6.78670   1.000 62.14576  ? 21  DT  C C2     1 
ATOM   484 O O2     . DT  B 2 9  ? 1.46415   3.45199   7.16476   1.000 65.91140  ? 21  DT  C O2     1 
ATOM   485 N N3     . DT  B 2 9  ? 0.58574   4.98670   5.74555   1.000 61.04698  ? 21  DT  C N3     1 
ATOM   486 C C4     . DT  B 2 9  ? -0.43174  5.76452   5.22795   1.000 56.20071  ? 21  DT  C C4     1 
ATOM   487 O O4     . DT  B 2 9  ? -0.24677  6.51533   4.28719   1.000 51.57908  ? 21  DT  C O4     1 
ATOM   488 C C5     . DT  B 2 9  ? -1.72843  5.62320   5.88266   1.000 62.80834  ? 21  DT  C C5     1 
ATOM   489 C C7     . DT  B 2 9  ? -2.90853  6.42241   5.42074   1.000 65.61196  ? 21  DT  C C7     1 
ATOM   490 C C6     . DT  B 2 9  ? -1.82896  4.75408   6.89819   1.000 56.14080  ? 21  DT  C C6     1 
ATOM   491 P P      . DG  B 2 10 ? -0.94152  2.07736   12.54821  1.000 86.49161  ? 22  DG  C P      1 
ATOM   492 O OP1    . DG  B 2 10 ? -0.48434  0.79716   13.15269  1.000 54.42756  ? 22  DG  C OP1    1 
ATOM   493 O OP2    . DG  B 2 10 ? -2.18635  2.81479   12.91982  1.000 47.70091  ? 22  DG  C OP2    1 
ATOM   494 O "O5'"  . DG  B 2 10 ? 0.31915   3.06695   12.64814  1.000 70.03496  ? 22  DG  C "O5'"  1 
ATOM   495 C "C5'"  . DG  B 2 10 ? 1.61443   2.60150   12.25917  1.000 67.45403  ? 22  DG  C "C5'"  1 
ATOM   496 C "C4'"  . DG  B 2 10 ? 2.53772   3.77099   12.01285  1.000 67.41258  ? 22  DG  C "C4'"  1 
ATOM   497 O "O4'"  . DG  B 2 10 ? 2.17932   4.42498   10.75521  1.000 67.35521  ? 22  DG  C "O4'"  1 
ATOM   498 C "C3'"  . DG  B 2 10 ? 2.45583   4.87207   13.08709  1.000 69.90318  ? 22  DG  C "C3'"  1 
ATOM   499 O "O3'"  . DG  B 2 10 ? 3.71862   5.32684   13.39884  1.000 80.11917  ? 22  DG  C "O3'"  1 
ATOM   500 C "C2'"  . DG  B 2 10 ? 1.62253   5.94419   12.41809  1.000 65.24324  ? 22  DG  C "C2'"  1 
ATOM   501 C "C1'"  . DG  B 2 10 ? 2.14145   5.81383   11.00235  1.000 68.92934  ? 22  DG  C "C1'"  1 
ATOM   502 N N9     . DG  B 2 10 ? 1.36899   6.50640   9.97065   1.000 66.80105  ? 22  DG  C N9     1 
ATOM   503 C C8     . DG  B 2 10 ? 0.03457   6.83889   9.96827   1.000 66.97818  ? 22  DG  C C8     1 
ATOM   504 N N7     . DG  B 2 10 ? -0.32942  7.49009   8.89336   1.000 65.34152  ? 22  DG  C N7     1 
ATOM   505 C C5     . DG  B 2 10 ? 0.85308   7.61067   8.15506   1.000 64.02772  ? 22  DG  C C5     1 
ATOM   506 C C6     . DG  B 2 10 ? 1.10337   8.21598   6.89759   1.000 58.32458  ? 22  DG  C C6     1 
ATOM   507 O O6     . DG  B 2 10 ? 0.31034   8.81604   6.15966   1.000 58.64822  ? 22  DG  C O6     1 
ATOM   508 N N1     . DG  B 2 10 ? 2.44152   8.09093   6.52666   1.000 57.59788  ? 22  DG  C N1     1 
ATOM   509 C C2     . DG  B 2 10 ? 3.41358   7.47457   7.29148   1.000 62.85767  ? 22  DG  C C2     1 
ATOM   510 N N2     . DG  B 2 10 ? 4.66350   7.44095   6.79136   1.000 54.92594  ? 22  DG  C N2     1 
ATOM   511 N N3     . DG  B 2 10 ? 3.17668   6.90792   8.45109   1.000 51.86766  ? 22  DG  C N3     1 
ATOM   512 C C4     . DG  B 2 10 ? 1.89186   7.01334   8.81405   1.000 62.40026  ? 22  DG  C C4     1 
ATOM   513 H "H5'"  . DG  B 2 10 ? 1.53743   2.07545   11.44785  1.000 81.31309  ? 22  DG  C "H5'"  1 
ATOM   514 H "H5''" . DG  B 2 10 ? 1.98128   2.04421   12.96326  1.000 81.31309  ? 22  DG  C "H5''" 1 
ATOM   515 H "H4'"  . DG  B 2 10 ? 3.45091   3.45149   11.94282  1.000 81.26336  ? 22  DG  C "H4'"  1 
ATOM   516 H "H3'"  . DG  B 2 10 ? 2.00368   4.53904   13.87801  1.000 84.25207  ? 22  DG  C "H3'"  1 
ATOM   517 H "H2'"  . DG  B 2 10 ? 0.67262   5.75666   12.47658  1.000 78.66015  ? 22  DG  C "H2'"  1 
ATOM   518 H "H2''" . DG  B 2 10 ? 1.79425   6.82369   12.78944  1.000 78.66015  ? 22  DG  C "H2''" 1 
ATOM   519 H "H1'"  . DG  B 2 10 ? 3.03852   6.17891   10.94890  1.000 83.08347  ? 22  DG  C "H1'"  1 
ATOM   520 H H8     . DG  B 2 10 ? -0.54900  6.62311   10.65948  1.000 80.74207  ? 22  DG  C H8     1 
ATOM   521 H H1     . DG  B 2 10 ? 2.67867   8.42055   5.76857   1.000 69.48571  ? 22  DG  C H1     1 
ATOM   522 H H21    . DG  B 2 10 ? 5.29219   7.05214   7.23088   1.000 66.27938  ? 22  DG  C H21    1 
ATOM   523 H H22    . DG  B 2 10 ? 4.83302   7.80828   6.03246   1.000 66.27938  ? 22  DG  C H22    1 
ATOM   524 P P      . DC  B 2 11 ? 4.15806   5.47419   14.92748  1.000 91.13816  ? 23  DC  C P      1 
ATOM   525 O OP1    . DC  B 2 11 ? 4.24299   4.08429   15.43619  1.000 88.09741  ? 23  DC  C OP1    1 
ATOM   526 O OP2    . DC  B 2 11 ? 3.25832   6.48415   15.55588  1.000 74.92224  ? 23  DC  C OP2    1 
ATOM   527 O "O5'"  . DC  B 2 11 ? 5.63712   6.10729   14.81568  1.000 87.98429  ? 23  DC  C "O5'"  1 
ATOM   528 C "C5'"  . DC  B 2 11 ? 6.63559   5.48860   13.94812  1.000 88.09204  ? 23  DC  C "C5'"  1 
ATOM   529 C "C4'"  . DC  B 2 11 ? 7.28677   6.50749   13.00618  1.000 73.09363  ? 23  DC  C "C4'"  1 
ATOM   530 O "O4'"  . DC  B 2 11 ? 6.33879   6.86450   11.97785  1.000 71.63423  ? 23  DC  C "O4'"  1 
ATOM   531 C "C3'"  . DC  B 2 11 ? 7.71475   7.82063   13.66677  1.000 75.25274  ? 23  DC  C "C3'"  1 
ATOM   532 O "O3'"  . DC  B 2 11 ? 9.14955   7.89974   13.79515  1.000 79.99338  ? 23  DC  C "O3'"  1 
ATOM   533 C "C2'"  . DC  B 2 11 ? 7.17708   8.91997   12.75433  1.000 71.88371  ? 23  DC  C "C2'"  1 
ATOM   534 C "C1'"  . DC  B 2 11 ? 6.53640   8.19307   11.58079  1.000 72.64846  ? 23  DC  C "C1'"  1 
ATOM   535 N N1     . DC  B 2 11 ? 5.21242   8.76657   11.16281  1.000 65.96368  ? 23  DC  C N1     1 
ATOM   536 C C2     . DC  B 2 11 ? 5.11393   9.47486   9.96427   1.000 62.29079  ? 23  DC  C C2     1 
ATOM   537 O O2     . DC  B 2 11 ? 6.12292   9.63388   9.27994   1.000 67.16925  ? 23  DC  C O2     1 
ATOM   538 N N3     . DC  B 2 11 ? 3.91681   9.97668   9.58596   1.000 62.25794  ? 23  DC  C N3     1 
ATOM   539 C C4     . DC  B 2 11 ? 2.85173   9.79187   10.35393  1.000 67.96134  ? 23  DC  C C4     1 
ATOM   540 N N4     . DC  B 2 11 ? 1.68592   10.30502  9.93516   1.000 68.45099  ? 23  DC  C N4     1 
ATOM   541 C C5     . DC  B 2 11 ? 2.92750   9.06794   11.58375  1.000 61.07029  ? 23  DC  C C5     1 
ATOM   542 C C6     . DC  B 2 11 ? 4.11512   8.57917   11.94405  1.000 67.51214  ? 23  DC  C C6     1 
ATOM   543 H "H5'"  . DC  B 2 11 ? 6.20797   4.79783   13.41814  1.000 106.07870 ? 23  DC  C "H5'"  1 
ATOM   544 H "H5''" . DC  B 2 11 ? 7.32388   5.08357   14.49867  1.000 106.07870 ? 23  DC  C "H5''" 1 
ATOM   545 H "H4'"  . DC  B 2 11 ? 8.06725   6.11003   12.58935  1.000 88.08061  ? 23  DC  C "H4'"  1 
ATOM   546 H "H3'"  . DC  B 2 11 ? 7.28304   7.87592   14.53365  1.000 90.67155  ? 23  DC  C "H3'"  1 
ATOM   547 H "H2'"  . DC  B 2 11 ? 6.52036   9.46019   13.22100  1.000 86.62871  ? 23  DC  C "H2'"  1 
ATOM   548 H "H2''" . DC  B 2 11 ? 7.89771   9.49290   12.44878  1.000 86.62871  ? 23  DC  C "H2''" 1 
ATOM   549 H "H1'"  . DC  B 2 11 ? 7.14870   8.21090   10.82870  1.000 87.54641  ? 23  DC  C "H1'"  1 
ATOM   550 H H41    . DC  B 2 11 ? 0.97601   10.20303  10.40973  1.000 82.50945  ? 23  DC  C H41    1 
ATOM   551 H H42    . DC  B 2 11 ? 1.64808   10.73614  9.19199   1.000 82.50945  ? 23  DC  C H42    1 
ATOM   552 H H5     . DC  B 2 11 ? 2.17445   8.94192   12.11474  1.000 73.65261  ? 23  DC  C H5     1 
ATOM   553 H H6     . DC  B 2 11 ? 4.19381   8.10414   12.73970  1.000 81.38283  ? 23  DC  C H6     1 
ATOM   554 P P      . DG  B 2 12 ? 9.82481   8.97038   14.81377  1.000 82.27549  ? 24  DG  C P      1 
ATOM   555 O OP1    . DG  B 2 12 ? 11.00529  8.31780   15.43469  1.000 86.04279  ? 24  DG  C OP1    1 
ATOM   556 O OP2    . DG  B 2 12 ? 8.75856   9.51591   15.70233  1.000 78.97490  ? 24  DG  C OP2    1 
ATOM   557 O "O5'"  . DG  B 2 12 ? 10.39183  10.12015  13.83391  1.000 75.59623  ? 24  DG  C "O5'"  1 
ATOM   558 C "C5'"  . DG  B 2 12 ? 11.17760  9.76541   12.66331  1.000 64.96747  ? 24  DG  C "C5'"  1 
ATOM   559 C "C4'"  . DG  B 2 12 ? 11.06847  10.84478  11.59420  1.000 62.92615  ? 24  DG  C "C4'"  1 
ATOM   560 O "O4'"  . DG  B 2 12 ? 9.79616   10.75787  10.92908  1.000 63.33690  ? 24  DG  C "O4'"  1 
ATOM   561 C "C3'"  . DG  B 2 12 ? 11.10394  12.25274  12.14184  1.000 62.46649  ? 24  DG  C "C3'"  1 
ATOM   562 O "O3'"  . DG  B 2 12 ? 12.46222  12.65051  12.32688  1.000 52.45248  ? 24  DG  C "O3'"  1 
ATOM   563 C "C2'"  . DG  B 2 12 ? 10.41328  13.05017  11.03693  1.000 62.30888  ? 24  DG  C "C2'"  1 
ATOM   564 C "C1'"  . DG  B 2 12 ? 9.39114   12.04563  10.48345  1.000 63.05062  ? 24  DG  C "C1'"  1 
ATOM   565 N N9     . DG  B 2 12 ? 7.99491   12.28771  10.91287  1.000 56.35916  ? 24  DG  C N9     1 
ATOM   566 C C8     . DG  B 2 12 ? 7.40635   11.89363  12.09510  1.000 56.86813  ? 24  DG  C C8     1 
ATOM   567 N N7     . DG  B 2 12 ? 6.14207   12.21931  12.19402  1.000 51.36420  ? 24  DG  C N7     1 
ATOM   568 C C5     . DG  B 2 12 ? 5.87322   12.88866  11.01297  1.000 58.97060  ? 24  DG  C C5     1 
ATOM   569 C C6     . DG  B 2 12 ? 4.67702   13.50169  10.56655  1.000 58.12820  ? 24  DG  C C6     1 
ATOM   570 O O6     . DG  B 2 12 ? 3.57956   13.56748  11.14937  1.000 57.55378  ? 24  DG  C O6     1 
ATOM   571 N N1     . DG  B 2 12 ? 4.84286   14.08701  9.30532   1.000 61.69545  ? 24  DG  C N1     1 
ATOM   572 C C2     . DG  B 2 12 ? 6.02393   14.07665  8.58134   1.000 52.08734  ? 24  DG  C C2     1 
ATOM   573 N N2     . DG  B 2 12 ? 6.00574   14.69116  7.39249   1.000 48.43544  ? 24  DG  C N2     1 
ATOM   574 N N3     . DG  B 2 12 ? 7.14496   13.50805  8.99849   1.000 52.01493  ? 24  DG  C N3     1 
ATOM   575 C C4     . DG  B 2 12 ? 7.00620   12.94352  10.21139  1.000 55.79224  ? 24  DG  C C4     1 
HETATM 576 O O      . HOH C 3 .  ? -1.30129  12.10871  6.66626   1.000 56.90179  ? 101 HOH B O      1 
HETATM 577 O O      . HOH D 3 .  ? -4.11150  -1.18451  2.60302   1.000 47.41792  ? 101 HOH C O      1 
HETATM 578 O O      . HOH D 3 .  ? -1.23348  -0.70120  5.59765   1.000 53.83876  ? 102 HOH C O      1 
HETATM 579 O O      . HOH D 3 .  ? 2.81739   1.24006   7.22324   1.000 63.29627  ? 103 HOH C O      1 
HETATM 580 O O      . HOH D 3 .  ? -6.02396  -2.20877  -1.67659  1.000 52.31790  ? 104 HOH C O      1 
# 
loop_
_pdbx_poly_seq_scheme.asym_id 
_pdbx_poly_seq_scheme.entity_id 
_pdbx_poly_seq_scheme.seq_id 
_pdbx_poly_seq_scheme.mon_id 
_pdbx_poly_seq_scheme.ndb_seq_num 
_pdbx_poly_seq_scheme.pdb_seq_num 
_pdbx_poly_seq_scheme.auth_seq_num 
_pdbx_poly_seq_scheme.pdb_mon_id 
_pdbx_poly_seq_scheme.auth_mon_id 
_pdbx_poly_seq_scheme.pdb_strand_id 
_pdbx_poly_seq_scheme.pdb_ins_code 
_pdbx_poly_seq_scheme.hetero 
A 1 1  DC 1  1  1  DC DC B . n 
A 1 2  DG 2  2  2  DG DG B . n 
A 1 3  DC 3  3  3  DC DC B . n 
A 1 4  DA 4  4  4  DA DA B . n 
A 1 5  DA 5  5  5  DA DA B . n 
A 1 6  DA 6  6  6  DA DA B . n 
A 1 7  DA 7  7  7  DA DA B . n 
A 1 8  DA 8  8  8  DA DA B . n 
A 1 9  DA 9  9  9  DA DA B . n 
A 1 10 DG 10 10 10 DG DG B . n 
A 1 11 DC 11 11 11 DC DC B . n 
A 1 12 DG 12 12 12 DG DG B . n 
B 2 1  DC 1  13 13 DC DC C . n 
B 2 2  DG 2  14 14 DG DG C . n 
B 2 3  DC 3  15 15 DC DC C . n 
B 2 4  DT 4  16 16 DT DT C . n 
B 2 5  DT 5  17 17 DT DT C . n 
B 2 6  DT 6  18 18 DT DT C . n 
B 2 7  DT 7  19 19 DT DT C . n 
B 2 8  DT 8  20 20 DT DT C . n 
B 2 9  DT 9  21 21 DT DT C . n 
B 2 10 DG 10 22 22 DG DG C . n 
B 2 11 DC 11 23 23 DC DC C . n 
B 2 12 DG 12 24 24 DG DG C . n 
# 
_pdbx_contact_author.id                 2 
_pdbx_contact_author.email              wdw@gsu.edu 
_pdbx_contact_author.name_first         W 
_pdbx_contact_author.name_last          Wilson 
_pdbx_contact_author.name_mi            David 
_pdbx_contact_author.role               'principal investigator/group leader' 
_pdbx_contact_author.identifier_ORCID   0000-0001-5225-5089 
# 
loop_
_pdbx_nonpoly_scheme.asym_id 
_pdbx_nonpoly_scheme.entity_id 
_pdbx_nonpoly_scheme.mon_id 
_pdbx_nonpoly_scheme.ndb_seq_num 
_pdbx_nonpoly_scheme.pdb_seq_num 
_pdbx_nonpoly_scheme.auth_seq_num 
_pdbx_nonpoly_scheme.pdb_mon_id 
_pdbx_nonpoly_scheme.auth_mon_id 
_pdbx_nonpoly_scheme.pdb_strand_id 
_pdbx_nonpoly_scheme.pdb_ins_code 
C 3 HOH 1 101 4 HOH HOH B . 
D 3 HOH 1 101 1 HOH HOH C . 
D 3 HOH 2 102 2 HOH HOH C . 
D 3 HOH 3 103 3 HOH HOH C . 
D 3 HOH 4 104 5 HOH HOH C . 
# 
_pdbx_struct_assembly.id                   1 
_pdbx_struct_assembly.details              author_and_software_defined_assembly 
_pdbx_struct_assembly.method_details       PISA 
_pdbx_struct_assembly.oligomeric_details   dimeric 
_pdbx_struct_assembly.oligomeric_count     2 
# 
_pdbx_struct_assembly_gen.assembly_id       1 
_pdbx_struct_assembly_gen.oper_expression   1 
_pdbx_struct_assembly_gen.asym_id_list      A,B,C,D 
# 
loop_
_pdbx_struct_assembly_prop.biol_id 
_pdbx_struct_assembly_prop.type 
_pdbx_struct_assembly_prop.value 
_pdbx_struct_assembly_prop.details 
1 'ABSA (A^2)' 1140 ? 
1 MORE         -5   ? 
1 'SSA (A^2)'  4530 ? 
# 
_pdbx_struct_oper_list.id                   1 
_pdbx_struct_oper_list.type                 'identity operation' 
_pdbx_struct_oper_list.name                 1_555 
_pdbx_struct_oper_list.symmetry_operation   x,y,z 
_pdbx_struct_oper_list.matrix[1][1]         1.0000000000 
_pdbx_struct_oper_list.matrix[1][2]         0.0000000000 
_pdbx_struct_oper_list.matrix[1][3]         0.0000000000 
_pdbx_struct_oper_list.vector[1]            0.0000000000 
_pdbx_struct_oper_list.matrix[2][1]         0.0000000000 
_pdbx_struct_oper_list.matrix[2][2]         1.0000000000 
_pdbx_struct_oper_list.matrix[2][3]         0.0000000000 
_pdbx_struct_oper_list.vector[2]            0.0000000000 
_pdbx_struct_oper_list.matrix[3][1]         0.0000000000 
_pdbx_struct_oper_list.matrix[3][2]         0.0000000000 
_pdbx_struct_oper_list.matrix[3][3]         1.0000000000 
_pdbx_struct_oper_list.vector[3]            0.0000000000 
# 
loop_
_pdbx_audit_revision_history.ordinal 
_pdbx_audit_revision_history.data_content_type 
_pdbx_audit_revision_history.major_revision 
_pdbx_audit_revision_history.minor_revision 
_pdbx_audit_revision_history.revision_date 
1 'Structure model' 1 0 2023-02-22 
2 'Structure model' 1 1 2023-08-30 
3 'Structure model' 1 2 2023-10-25 
# 
_pdbx_audit_revision_details.ordinal             1 
_pdbx_audit_revision_details.revision_ordinal    1 
_pdbx_audit_revision_details.data_content_type   'Structure model' 
_pdbx_audit_revision_details.provider            repository 
_pdbx_audit_revision_details.type                'Initial release' 
_pdbx_audit_revision_details.description         ? 
_pdbx_audit_revision_details.details             ? 
# 
loop_
_pdbx_audit_revision_group.ordinal 
_pdbx_audit_revision_group.revision_ordinal 
_pdbx_audit_revision_group.data_content_type 
_pdbx_audit_revision_group.group 
1 2 'Structure model' 'Data collection'        
2 2 'Structure model' 'Database references'    
3 3 'Structure model' 'Refinement description' 
# 
loop_
_pdbx_audit_revision_category.ordinal 
_pdbx_audit_revision_category.revision_ordinal 
_pdbx_audit_revision_category.data_content_type 
_pdbx_audit_revision_category.category 
1 2 'Structure model' chem_comp_atom                
2 2 'Structure model' chem_comp_bond                
3 2 'Structure model' citation                      
4 2 'Structure model' citation_author               
5 3 'Structure model' pdbx_initial_refinement_model 
# 
loop_
_pdbx_audit_revision_item.ordinal 
_pdbx_audit_revision_item.revision_ordinal 
_pdbx_audit_revision_item.data_content_type 
_pdbx_audit_revision_item.item 
1 2 'Structure model' '_citation.journal_volume'          
2 2 'Structure model' '_citation.page_first'              
3 2 'Structure model' '_citation.page_last'               
4 2 'Structure model' '_citation.pdbx_database_id_DOI'    
5 2 'Structure model' '_citation.pdbx_database_id_PubMed' 
6 2 'Structure model' '_citation.title'                   
# 
loop_
_space_group_symop.id 
_space_group_symop.operation_xyz 
1 x,y,z           
2 x+1/2,-y+1/2,-z 
3 -x,y+1/2,-z+1/2 
4 -x+1/2,-y,z+1/2 
# 
loop_
_software.citation_id 
_software.classification 
_software.compiler_name 
_software.compiler_version 
_software.contact_author 
_software.contact_author_email 
_software.date 
_software.description 
_software.dependencies 
_software.hardware 
_software.language 
_software.location 
_software.mods 
_software.name 
_software.os 
_software.os_version 
_software.type 
_software.version 
_software.pdbx_ordinal 
? refinement        ? ? ? ? ? ? ? ? ? ? ? PHENIX   ? ? ? 1.19.2_4158 1 
? 'data scaling'    ? ? ? ? ? ? ? ? ? ? ? XDS      ? ? ? .           2 
? 'data processing' ? ? ? ? ? ? ? ? ? ? ? autoPROC ? ? ? .           3 
? 'model building'  ? ? ? ? ? ? ? ? ? ? ? Coot     ? ? ? .           4 
? phasing           ? ? ? ? ? ? ? ? ? ? ? PHASER   ? ? ? .           5 
? 'data reduction'  ? ? ? ? ? ? ? ? ? ? ? XDS      ? ? ? .           6 
# 
_pdbx_validate_rmsd_bond.id                        1 
_pdbx_validate_rmsd_bond.PDB_model_num             1 
_pdbx_validate_rmsd_bond.auth_atom_id_1            "O3'" 
_pdbx_validate_rmsd_bond.auth_asym_id_1            C 
_pdbx_validate_rmsd_bond.auth_comp_id_1            DG 
_pdbx_validate_rmsd_bond.auth_seq_id_1             22 
_pdbx_validate_rmsd_bond.PDB_ins_code_1            ? 
_pdbx_validate_rmsd_bond.label_alt_id_1            ? 
_pdbx_validate_rmsd_bond.auth_atom_id_2            "C3'" 
_pdbx_validate_rmsd_bond.auth_asym_id_2            C 
_pdbx_validate_rmsd_bond.auth_comp_id_2            DG 
_pdbx_validate_rmsd_bond.auth_seq_id_2             22 
_pdbx_validate_rmsd_bond.PDB_ins_code_2            ? 
_pdbx_validate_rmsd_bond.label_alt_id_2            ? 
_pdbx_validate_rmsd_bond.bond_value                1.378 
_pdbx_validate_rmsd_bond.bond_target_value         1.419 
_pdbx_validate_rmsd_bond.bond_deviation            -0.041 
_pdbx_validate_rmsd_bond.bond_standard_deviation   0.006 
_pdbx_validate_rmsd_bond.linker_flag               N 
# 
loop_
_pdbx_validate_rmsd_angle.id 
_pdbx_validate_rmsd_angle.PDB_model_num 
_pdbx_validate_rmsd_angle.auth_atom_id_1 
_pdbx_validate_rmsd_angle.auth_asym_id_1 
_pdbx_validate_rmsd_angle.auth_comp_id_1 
_pdbx_validate_rmsd_angle.auth_seq_id_1 
_pdbx_validate_rmsd_angle.PDB_ins_code_1 
_pdbx_validate_rmsd_angle.label_alt_id_1 
_pdbx_validate_rmsd_angle.auth_atom_id_2 
_pdbx_validate_rmsd_angle.auth_asym_id_2 
_pdbx_validate_rmsd_angle.auth_comp_id_2 
_pdbx_validate_rmsd_angle.auth_seq_id_2 
_pdbx_validate_rmsd_angle.PDB_ins_code_2 
_pdbx_validate_rmsd_angle.label_alt_id_2 
_pdbx_validate_rmsd_angle.auth_atom_id_3 
_pdbx_validate_rmsd_angle.auth_asym_id_3 
_pdbx_validate_rmsd_angle.auth_comp_id_3 
_pdbx_validate_rmsd_angle.auth_seq_id_3 
_pdbx_validate_rmsd_angle.PDB_ins_code_3 
_pdbx_validate_rmsd_angle.label_alt_id_3 
_pdbx_validate_rmsd_angle.angle_value 
_pdbx_validate_rmsd_angle.angle_target_value 
_pdbx_validate_rmsd_angle.angle_deviation 
_pdbx_validate_rmsd_angle.angle_standard_deviation 
_pdbx_validate_rmsd_angle.linker_flag 
1 1 "O4'" B DG 10 ? ? "C1'" B DG 10 ? ? N9 B DG 10 ? ? 111.47 108.30 3.17 0.30 N 
2 1 "O4'" C DG 22 ? ? "C1'" C DG 22 ? ? N9 C DG 22 ? ? 110.89 108.30 2.59 0.30 N 
# 
loop_
_chem_comp_atom.comp_id 
_chem_comp_atom.atom_id 
_chem_comp_atom.type_symbol 
_chem_comp_atom.pdbx_aromatic_flag 
_chem_comp_atom.pdbx_stereo_config 
_chem_comp_atom.pdbx_ordinal 
DA  OP3    O N N 1   
DA  P      P N N 2   
DA  OP1    O N N 3   
DA  OP2    O N N 4   
DA  "O5'"  O N N 5   
DA  "C5'"  C N N 6   
DA  "C4'"  C N R 7   
DA  "O4'"  O N N 8   
DA  "C3'"  C N S 9   
DA  "O3'"  O N N 10  
DA  "C2'"  C N N 11  
DA  "C1'"  C N R 12  
DA  N9     N Y N 13  
DA  C8     C Y N 14  
DA  N7     N Y N 15  
DA  C5     C Y N 16  
DA  C6     C Y N 17  
DA  N6     N N N 18  
DA  N1     N Y N 19  
DA  C2     C Y N 20  
DA  N3     N Y N 21  
DA  C4     C Y N 22  
DA  HOP3   H N N 23  
DA  HOP2   H N N 24  
DA  "H5'"  H N N 25  
DA  "H5''" H N N 26  
DA  "H4'"  H N N 27  
DA  "H3'"  H N N 28  
DA  "HO3'" H N N 29  
DA  "H2'"  H N N 30  
DA  "H2''" H N N 31  
DA  "H1'"  H N N 32  
DA  H8     H N N 33  
DA  H61    H N N 34  
DA  H62    H N N 35  
DA  H2     H N N 36  
DC  OP3    O N N 37  
DC  P      P N N 38  
DC  OP1    O N N 39  
DC  OP2    O N N 40  
DC  "O5'"  O N N 41  
DC  "C5'"  C N N 42  
DC  "C4'"  C N R 43  
DC  "O4'"  O N N 44  
DC  "C3'"  C N S 45  
DC  "O3'"  O N N 46  
DC  "C2'"  C N N 47  
DC  "C1'"  C N R 48  
DC  N1     N N N 49  
DC  C2     C N N 50  
DC  O2     O N N 51  
DC  N3     N N N 52  
DC  C4     C N N 53  
DC  N4     N N N 54  
DC  C5     C N N 55  
DC  C6     C N N 56  
DC  HOP3   H N N 57  
DC  HOP2   H N N 58  
DC  "H5'"  H N N 59  
DC  "H5''" H N N 60  
DC  "H4'"  H N N 61  
DC  "H3'"  H N N 62  
DC  "HO3'" H N N 63  
DC  "H2'"  H N N 64  
DC  "H2''" H N N 65  
DC  "H1'"  H N N 66  
DC  H41    H N N 67  
DC  H42    H N N 68  
DC  H5     H N N 69  
DC  H6     H N N 70  
DG  OP3    O N N 71  
DG  P      P N N 72  
DG  OP1    O N N 73  
DG  OP2    O N N 74  
DG  "O5'"  O N N 75  
DG  "C5'"  C N N 76  
DG  "C4'"  C N R 77  
DG  "O4'"  O N N 78  
DG  "C3'"  C N S 79  
DG  "O3'"  O N N 80  
DG  "C2'"  C N N 81  
DG  "C1'"  C N R 82  
DG  N9     N Y N 83  
DG  C8     C Y N 84  
DG  N7     N Y N 85  
DG  C5     C Y N 86  
DG  C6     C N N 87  
DG  O6     O N N 88  
DG  N1     N N N 89  
DG  C2     C N N 90  
DG  N2     N N N 91  
DG  N3     N N N 92  
DG  C4     C Y N 93  
DG  HOP3   H N N 94  
DG  HOP2   H N N 95  
DG  "H5'"  H N N 96  
DG  "H5''" H N N 97  
DG  "H4'"  H N N 98  
DG  "H3'"  H N N 99  
DG  "HO3'" H N N 100 
DG  "H2'"  H N N 101 
DG  "H2''" H N N 102 
DG  "H1'"  H N N 103 
DG  H8     H N N 104 
DG  H1     H N N 105 
DG  H21    H N N 106 
DG  H22    H N N 107 
DT  OP3    O N N 108 
DT  P      P N N 109 
DT  OP1    O N N 110 
DT  OP2    O N N 111 
DT  "O5'"  O N N 112 
DT  "C5'"  C N N 113 
DT  "C4'"  C N R 114 
DT  "O4'"  O N N 115 
DT  "C3'"  C N S 116 
DT  "O3'"  O N N 117 
DT  "C2'"  C N N 118 
DT  "C1'"  C N R 119 
DT  N1     N N N 120 
DT  C2     C N N 121 
DT  O2     O N N 122 
DT  N3     N N N 123 
DT  C4     C N N 124 
DT  O4     O N N 125 
DT  C5     C N N 126 
DT  C7     C N N 127 
DT  C6     C N N 128 
DT  HOP3   H N N 129 
DT  HOP2   H N N 130 
DT  "H5'"  H N N 131 
DT  "H5''" H N N 132 
DT  "H4'"  H N N 133 
DT  "H3'"  H N N 134 
DT  "HO3'" H N N 135 
DT  "H2'"  H N N 136 
DT  "H2''" H N N 137 
DT  "H1'"  H N N 138 
DT  H3     H N N 139 
DT  H71    H N N 140 
DT  H72    H N N 141 
DT  H73    H N N 142 
DT  H6     H N N 143 
HOH O      O N N 144 
HOH H1     H N N 145 
HOH H2     H N N 146 
# 
loop_
_chem_comp_bond.comp_id 
_chem_comp_bond.atom_id_1 
_chem_comp_bond.atom_id_2 
_chem_comp_bond.value_order 
_chem_comp_bond.pdbx_aromatic_flag 
_chem_comp_bond.pdbx_stereo_config 
_chem_comp_bond.pdbx_ordinal 
DA  OP3   P      sing N N 1   
DA  OP3   HOP3   sing N N 2   
DA  P     OP1    doub N N 3   
DA  P     OP2    sing N N 4   
DA  P     "O5'"  sing N N 5   
DA  OP2   HOP2   sing N N 6   
DA  "O5'" "C5'"  sing N N 7   
DA  "C5'" "C4'"  sing N N 8   
DA  "C5'" "H5'"  sing N N 9   
DA  "C5'" "H5''" sing N N 10  
DA  "C4'" "O4'"  sing N N 11  
DA  "C4'" "C3'"  sing N N 12  
DA  "C4'" "H4'"  sing N N 13  
DA  "O4'" "C1'"  sing N N 14  
DA  "C3'" "O3'"  sing N N 15  
DA  "C3'" "C2'"  sing N N 16  
DA  "C3'" "H3'"  sing N N 17  
DA  "O3'" "HO3'" sing N N 18  
DA  "C2'" "C1'"  sing N N 19  
DA  "C2'" "H2'"  sing N N 20  
DA  "C2'" "H2''" sing N N 21  
DA  "C1'" N9     sing N N 22  
DA  "C1'" "H1'"  sing N N 23  
DA  N9    C8     sing Y N 24  
DA  N9    C4     sing Y N 25  
DA  C8    N7     doub Y N 26  
DA  C8    H8     sing N N 27  
DA  N7    C5     sing Y N 28  
DA  C5    C6     sing Y N 29  
DA  C5    C4     doub Y N 30  
DA  C6    N6     sing N N 31  
DA  C6    N1     doub Y N 32  
DA  N6    H61    sing N N 33  
DA  N6    H62    sing N N 34  
DA  N1    C2     sing Y N 35  
DA  C2    N3     doub Y N 36  
DA  C2    H2     sing N N 37  
DA  N3    C4     sing Y N 38  
DC  OP3   P      sing N N 39  
DC  OP3   HOP3   sing N N 40  
DC  P     OP1    doub N N 41  
DC  P     OP2    sing N N 42  
DC  P     "O5'"  sing N N 43  
DC  OP2   HOP2   sing N N 44  
DC  "O5'" "C5'"  sing N N 45  
DC  "C5'" "C4'"  sing N N 46  
DC  "C5'" "H5'"  sing N N 47  
DC  "C5'" "H5''" sing N N 48  
DC  "C4'" "O4'"  sing N N 49  
DC  "C4'" "C3'"  sing N N 50  
DC  "C4'" "H4'"  sing N N 51  
DC  "O4'" "C1'"  sing N N 52  
DC  "C3'" "O3'"  sing N N 53  
DC  "C3'" "C2'"  sing N N 54  
DC  "C3'" "H3'"  sing N N 55  
DC  "O3'" "HO3'" sing N N 56  
DC  "C2'" "C1'"  sing N N 57  
DC  "C2'" "H2'"  sing N N 58  
DC  "C2'" "H2''" sing N N 59  
DC  "C1'" N1     sing N N 60  
DC  "C1'" "H1'"  sing N N 61  
DC  N1    C2     sing N N 62  
DC  N1    C6     sing N N 63  
DC  C2    O2     doub N N 64  
DC  C2    N3     sing N N 65  
DC  N3    C4     doub N N 66  
DC  C4    N4     sing N N 67  
DC  C4    C5     sing N N 68  
DC  N4    H41    sing N N 69  
DC  N4    H42    sing N N 70  
DC  C5    C6     doub N N 71  
DC  C5    H5     sing N N 72  
DC  C6    H6     sing N N 73  
DG  OP3   P      sing N N 74  
DG  OP3   HOP3   sing N N 75  
DG  P     OP1    doub N N 76  
DG  P     OP2    sing N N 77  
DG  P     "O5'"  sing N N 78  
DG  OP2   HOP2   sing N N 79  
DG  "O5'" "C5'"  sing N N 80  
DG  "C5'" "C4'"  sing N N 81  
DG  "C5'" "H5'"  sing N N 82  
DG  "C5'" "H5''" sing N N 83  
DG  "C4'" "O4'"  sing N N 84  
DG  "C4'" "C3'"  sing N N 85  
DG  "C4'" "H4'"  sing N N 86  
DG  "O4'" "C1'"  sing N N 87  
DG  "C3'" "O3'"  sing N N 88  
DG  "C3'" "C2'"  sing N N 89  
DG  "C3'" "H3'"  sing N N 90  
DG  "O3'" "HO3'" sing N N 91  
DG  "C2'" "C1'"  sing N N 92  
DG  "C2'" "H2'"  sing N N 93  
DG  "C2'" "H2''" sing N N 94  
DG  "C1'" N9     sing N N 95  
DG  "C1'" "H1'"  sing N N 96  
DG  N9    C8     sing Y N 97  
DG  N9    C4     sing Y N 98  
DG  C8    N7     doub Y N 99  
DG  C8    H8     sing N N 100 
DG  N7    C5     sing Y N 101 
DG  C5    C6     sing N N 102 
DG  C5    C4     doub Y N 103 
DG  C6    O6     doub N N 104 
DG  C6    N1     sing N N 105 
DG  N1    C2     sing N N 106 
DG  N1    H1     sing N N 107 
DG  C2    N2     sing N N 108 
DG  C2    N3     doub N N 109 
DG  N2    H21    sing N N 110 
DG  N2    H22    sing N N 111 
DG  N3    C4     sing N N 112 
DT  OP3   P      sing N N 113 
DT  OP3   HOP3   sing N N 114 
DT  P     OP1    doub N N 115 
DT  P     OP2    sing N N 116 
DT  P     "O5'"  sing N N 117 
DT  OP2   HOP2   sing N N 118 
DT  "O5'" "C5'"  sing N N 119 
DT  "C5'" "C4'"  sing N N 120 
DT  "C5'" "H5'"  sing N N 121 
DT  "C5'" "H5''" sing N N 122 
DT  "C4'" "O4'"  sing N N 123 
DT  "C4'" "C3'"  sing N N 124 
DT  "C4'" "H4'"  sing N N 125 
DT  "O4'" "C1'"  sing N N 126 
DT  "C3'" "O3'"  sing N N 127 
DT  "C3'" "C2'"  sing N N 128 
DT  "C3'" "H3'"  sing N N 129 
DT  "O3'" "HO3'" sing N N 130 
DT  "C2'" "C1'"  sing N N 131 
DT  "C2'" "H2'"  sing N N 132 
DT  "C2'" "H2''" sing N N 133 
DT  "C1'" N1     sing N N 134 
DT  "C1'" "H1'"  sing N N 135 
DT  N1    C2     sing N N 136 
DT  N1    C6     sing N N 137 
DT  C2    O2     doub N N 138 
DT  C2    N3     sing N N 139 
DT  N3    C4     sing N N 140 
DT  N3    H3     sing N N 141 
DT  C4    O4     doub N N 142 
DT  C4    C5     sing N N 143 
DT  C5    C7     sing N N 144 
DT  C5    C6     doub N N 145 
DT  C7    H71    sing N N 146 
DT  C7    H72    sing N N 147 
DT  C7    H73    sing N N 148 
DT  C6    H6     sing N N 149 
HOH O     H1     sing N N 150 
HOH O     H2     sing N N 151 
# 
_ndb_struct_conf_na.entry_id   8F20 
_ndb_struct_conf_na.feature    'b-form double helix' 
# 
loop_
_ndb_struct_na_base_pair.model_number 
_ndb_struct_na_base_pair.i_label_asym_id 
_ndb_struct_na_base_pair.i_label_comp_id 
_ndb_struct_na_base_pair.i_label_seq_id 
_ndb_struct_na_base_pair.i_symmetry 
_ndb_struct_na_base_pair.j_label_asym_id 
_ndb_struct_na_base_pair.j_label_comp_id 
_ndb_struct_na_base_pair.j_label_seq_id 
_ndb_struct_na_base_pair.j_symmetry 
_ndb_struct_na_base_pair.shear 
_ndb_struct_na_base_pair.stretch 
_ndb_struct_na_base_pair.stagger 
_ndb_struct_na_base_pair.buckle 
_ndb_struct_na_base_pair.propeller 
_ndb_struct_na_base_pair.opening 
_ndb_struct_na_base_pair.pair_number 
_ndb_struct_na_base_pair.pair_name 
_ndb_struct_na_base_pair.i_auth_asym_id 
_ndb_struct_na_base_pair.i_auth_seq_id 
_ndb_struct_na_base_pair.i_PDB_ins_code 
_ndb_struct_na_base_pair.j_auth_asym_id 
_ndb_struct_na_base_pair.j_auth_seq_id 
_ndb_struct_na_base_pair.j_PDB_ins_code 
_ndb_struct_na_base_pair.hbond_type_28 
_ndb_struct_na_base_pair.hbond_type_12 
1 A DC 1  1_555 B DG 12 1_555 0.636  -0.306 0.061  5.740   -15.691 2.896  1  B_DC1:DG24_C  B 1  ? C 24 ? 19 1 
1 A DG 2  1_555 B DC 11 1_555 -0.635 -0.205 0.066  -0.610  -8.611  -0.683 2  B_DG2:DC23_C  B 2  ? C 23 ? 19 1 
1 A DC 3  1_555 B DG 10 1_555 -0.008 0.074  0.009  -3.849  -6.370  5.448  3  B_DC3:DG22_C  B 3  ? C 22 ? 19 1 
1 A DA 4  1_555 B DT 9  1_555 0.592  -0.067 0.108  7.178   -12.813 2.775  4  B_DA4:DT21_C  B 4  ? C 21 ? 20 1 
1 A DA 5  1_555 B DT 8  1_555 0.813  -0.232 0.335  12.585  -15.093 2.220  5  B_DA5:DT20_C  B 5  ? C 20 ? 20 1 
1 A DA 6  1_555 B DT 7  1_555 0.619  -0.267 0.223  7.241   -22.684 2.141  6  B_DA6:DT19_C  B 6  ? C 19 ? 20 1 
1 A DA 7  1_555 B DT 6  1_555 0.737  -0.200 0.161  -2.870  -14.596 1.900  7  B_DA7:DT18_C  B 7  ? C 18 ? 20 1 
1 A DA 8  1_555 B DT 5  1_555 0.842  -0.219 0.129  -6.287  -19.577 -1.829 8  B_DA8:DT17_C  B 8  ? C 17 ? 20 1 
1 A DA 9  1_555 B DT 4  1_555 0.483  0.431  -0.210 -10.893 -14.494 2.888  9  B_DA9:DT16_C  B 9  ? C 16 ? 20 1 
1 A DG 10 1_555 B DC 3  1_555 -0.006 0.000  0.557  11.099  -6.694  5.694  10 B_DG10:DC15_C B 10 ? C 15 ? 19 1 
1 A DC 11 1_555 B DG 2  1_555 -0.209 -0.189 -0.069 3.760   -14.888 -4.736 11 B_DC11:DG14_C B 11 ? C 14 ? 19 1 
1 A DG 12 1_555 B DC 1  1_555 0.397  -0.024 0.252  1.765   -10.288 -4.826 12 B_DG12:DC13_C B 12 ? C 13 ? 19 1 
# 
loop_
_ndb_struct_na_base_pair_step.model_number 
_ndb_struct_na_base_pair_step.i_label_asym_id_1 
_ndb_struct_na_base_pair_step.i_label_comp_id_1 
_ndb_struct_na_base_pair_step.i_label_seq_id_1 
_ndb_struct_na_base_pair_step.i_symmetry_1 
_ndb_struct_na_base_pair_step.j_label_asym_id_1 
_ndb_struct_na_base_pair_step.j_label_comp_id_1 
_ndb_struct_na_base_pair_step.j_label_seq_id_1 
_ndb_struct_na_base_pair_step.j_symmetry_1 
_ndb_struct_na_base_pair_step.i_label_asym_id_2 
_ndb_struct_na_base_pair_step.i_label_comp_id_2 
_ndb_struct_na_base_pair_step.i_label_seq_id_2 
_ndb_struct_na_base_pair_step.i_symmetry_2 
_ndb_struct_na_base_pair_step.j_label_asym_id_2 
_ndb_struct_na_base_pair_step.j_label_comp_id_2 
_ndb_struct_na_base_pair_step.j_label_seq_id_2 
_ndb_struct_na_base_pair_step.j_symmetry_2 
_ndb_struct_na_base_pair_step.shift 
_ndb_struct_na_base_pair_step.slide 
_ndb_struct_na_base_pair_step.rise 
_ndb_struct_na_base_pair_step.tilt 
_ndb_struct_na_base_pair_step.roll 
_ndb_struct_na_base_pair_step.twist 
_ndb_struct_na_base_pair_step.x_displacement 
_ndb_struct_na_base_pair_step.y_displacement 
_ndb_struct_na_base_pair_step.helical_rise 
_ndb_struct_na_base_pair_step.inclination 
_ndb_struct_na_base_pair_step.tip 
_ndb_struct_na_base_pair_step.helical_twist 
_ndb_struct_na_base_pair_step.step_number 
_ndb_struct_na_base_pair_step.step_name 
_ndb_struct_na_base_pair_step.i_auth_asym_id_1 
_ndb_struct_na_base_pair_step.i_auth_seq_id_1 
_ndb_struct_na_base_pair_step.i_PDB_ins_code_1 
_ndb_struct_na_base_pair_step.j_auth_asym_id_1 
_ndb_struct_na_base_pair_step.j_auth_seq_id_1 
_ndb_struct_na_base_pair_step.j_PDB_ins_code_1 
_ndb_struct_na_base_pair_step.i_auth_asym_id_2 
_ndb_struct_na_base_pair_step.i_auth_seq_id_2 
_ndb_struct_na_base_pair_step.i_PDB_ins_code_2 
_ndb_struct_na_base_pair_step.j_auth_asym_id_2 
_ndb_struct_na_base_pair_step.j_auth_seq_id_2 
_ndb_struct_na_base_pair_step.j_PDB_ins_code_2 
1 A DC 1  1_555 B DG 12 1_555 A DG 2  1_555 B DC 11 1_555 -0.176 0.174  3.591 -0.448 -0.848 32.581 0.471  0.227  3.588 -1.512  
0.798  32.595 1  BB_DC1DG2:DC23DG24_CC   B 1  ? C 24 ? B 2  ? C 23 ? 
1 A DG 2  1_555 B DC 11 1_555 A DC 3  1_555 B DG 10 1_555 0.912  0.333  3.351 2.757  0.062  39.841 0.480  -1.007 3.404 0.091   
-4.041 39.933 2  BB_DG2DC3:DG22DC23_CC   B 2  ? C 23 ? B 3  ? C 22 ? 
1 A DC 3  1_555 B DG 10 1_555 A DA 4  1_555 B DT 9  1_555 -0.686 0.503  3.207 0.509  7.785  32.699 -0.401 1.270  3.227 13.587  
-0.889 33.592 3  BB_DC3DA4:DT21DG22_CC   B 3  ? C 22 ? B 4  ? C 21 ? 
1 A DA 4  1_555 B DT 9  1_555 A DA 5  1_555 B DT 8  1_555 -0.094 -0.188 3.084 -2.345 -3.740 35.348 0.208  -0.169 3.087 -6.130  
3.843  35.614 4  BB_DA4DA5:DT20DT21_CC   B 4  ? C 21 ? B 5  ? C 20 ? 
1 A DA 5  1_555 B DT 8  1_555 A DA 6  1_555 B DT 7  1_555 -0.078 -0.226 3.303 3.102  -1.471 39.665 -0.160 0.478  3.294 -2.163  
-4.561 39.807 5  BB_DA5DA6:DT19DT20_CC   B 5  ? C 20 ? B 6  ? C 19 ? 
1 A DA 6  1_555 B DT 7  1_555 A DA 7  1_555 B DT 6  1_555 -0.204 -0.426 3.366 0.580  -0.948 34.914 -0.562 0.430  3.372 -1.579  
-0.966 34.931 6  BB_DA6DA7:DT18DT19_CC   B 6  ? C 19 ? B 7  ? C 18 ? 
1 A DA 7  1_555 B DT 6  1_555 A DA 8  1_555 B DT 5  1_555 -0.094 -0.503 3.382 2.364  -2.128 36.352 -0.498 0.489  3.393 -3.403  
-3.780 36.486 7  BB_DA7DA8:DT17DT18_CC   B 7  ? C 18 ? B 8  ? C 17 ? 
1 A DA 8  1_555 B DT 5  1_555 A DA 9  1_555 B DT 4  1_555 0.054  -0.287 3.288 5.125  -4.554 35.835 0.181  0.632  3.275 -7.318  
-8.237 36.464 8  BB_DA8DA9:DT16DT17_CC   B 8  ? C 17 ? B 9  ? C 16 ? 
1 A DA 9  1_555 B DT 4  1_555 A DG 10 1_555 B DC 3  1_555 0.789  0.464  2.816 -7.380 6.723  26.180 -0.391 -3.114 2.543 14.202  
15.591 27.988 9  BB_DA9DG10:DC15DT16_CC  B 9  ? C 16 ? B 10 ? C 15 ? 
1 A DG 10 1_555 B DC 3  1_555 A DC 11 1_555 B DG 2  1_555 -1.567 0.183  3.413 0.517  -7.590 38.831 1.194  2.380  3.301 -11.284 
-0.768 39.541 10 BB_DG10DC11:DG14DC15_CC B 10 ? C 15 ? B 11 ? C 14 ? 
1 A DC 11 1_555 B DG 2  1_555 A DG 12 1_555 B DC 1  1_555 0.122  0.420  3.496 -1.395 3.153  40.332 0.228  -0.344 3.512 4.563   
2.019  40.473 11 BB_DC11DG12:DC13DG14_CC B 11 ? C 14 ? B 12 ? C 13 ? 
# 
_pdbx_audit_support.funding_organization   
'National Institutes of Health/National Institute of General Medical Sciences (NIH/NIGMS)' 
_pdbx_audit_support.country                'United States' 
_pdbx_audit_support.grant_number           GM111749 
_pdbx_audit_support.ordinal                1 
# 
_pdbx_entity_nonpoly.entity_id   3 
_pdbx_entity_nonpoly.name        water 
_pdbx_entity_nonpoly.comp_id     HOH 
# 
_pdbx_initial_refinement_model.id               1 
_pdbx_initial_refinement_model.entity_id_list   ? 
_pdbx_initial_refinement_model.type             'experimental model' 
_pdbx_initial_refinement_model.source_name      PDB 
_pdbx_initial_refinement_model.accession_code   1BNA 
_pdbx_initial_refinement_model.details          ? 
# 
_pdbx_struct_assembly_auth_evidence.id                     1 
_pdbx_struct_assembly_auth_evidence.assembly_id            1 
_pdbx_struct_assembly_auth_evidence.experimental_support   'surface plasmon resonance' 
_pdbx_struct_assembly_auth_evidence.details                ? 
# 
_space_group.name_H-M_alt     'P 21 21 21' 
_space_group.name_Hall        'P 2ac 2ab' 
_space_group.IT_number        19 
_space_group.crystal_system   orthorhombic 
_space_group.id               1 
# 
